data_5S7M
#
_entry.id   5S7M
#
_cell.length_a   127.533
_cell.length_b   84.802
_cell.length_c   88.034
_cell.angle_alpha   90.000
_cell.angle_beta   131.190
_cell.angle_gamma   90.000
#
_symmetry.space_group_name_H-M   'C 1 2 1'
#
loop_
_entity.id
_entity.type
_entity.pdbx_description
1 polymer 'Activin receptor type-1'
2 non-polymer 4-methyl-3-[4-(1-methylpiperidin-4-yl)phenyl]-5-(3,4,5-trimethoxyphenyl)pyridine
3 non-polymer 1,2-ETHANEDIOL
4 non-polymer 'DIMETHYL SULFOXIDE'
5 non-polymer pyridin-2-amine
6 non-polymer 'SULFATE ION'
7 water water
#
_entity_poly.entity_id   1
_entity_poly.type   'polypeptide(L)'
_entity_poly.pdbx_seq_one_letter_code
;SMQRTVARDITLLECVGKGRYGEVWRGSWQGENVAVKIFSSRDEKSWFRETELYNTVMLRHENILGFIASDMTSRHSSTQ
LWLITHYHEMGSLYDYLQLTTLDTVSCLRIVLSIASGLAHLHIEIFGTQGKPAIAHRDLKSKNILVKKNGQCCIADLGLA
VMHSQSTNQLDVGNNPRVGTKRYMAPEVLDETIQVDCFDSYKRVDIWAFGLVLWEVARRMVSNGIVEDYKPPFYDVVPND
PSFEDMRKVVCVDQQRPNIPNRWFSDPTLTSLAKLMKECWYQNPSARLTALRIKKTLTKID
;
_entity_poly.pdbx_strand_id   A,B
#
loop_
_chem_comp.id
_chem_comp.type
_chem_comp.name
_chem_comp.formula
DMS non-polymer 'DIMETHYL SULFOXIDE' 'C2 H6 O S'
EDO non-polymer 1,2-ETHANEDIOL 'C2 H6 O2'
HVK non-polymer pyridin-2-amine 'C5 H6 N2'
LU8 non-polymer 4-methyl-3-[4-(1-methylpiperidin-4-yl)phenyl]-5-(3,4,5-trimethoxyphenyl)pyridine 'C27 H32 N2 O3'
SO4 non-polymer 'SULFATE ION' 'O4 S -2'
#
# COMPACT_ATOMS: atom_id res chain seq x y z
N ARG A 4 24.20 -21.08 -27.64
CA ARG A 4 24.36 -19.62 -27.37
C ARG A 4 25.66 -19.39 -26.57
N THR A 5 26.46 -18.39 -26.95
CA THR A 5 27.64 -17.90 -26.17
C THR A 5 27.15 -16.91 -25.10
N VAL A 6 27.40 -17.23 -23.83
CA VAL A 6 27.10 -16.37 -22.64
C VAL A 6 28.37 -15.63 -22.24
N ALA A 7 28.45 -14.33 -22.56
CA ALA A 7 29.54 -13.40 -22.18
C ALA A 7 29.39 -13.04 -20.69
N ARG A 8 30.41 -13.33 -19.88
CA ARG A 8 30.44 -13.07 -18.41
C ARG A 8 31.69 -12.22 -18.15
N ASP A 9 32.20 -11.54 -19.18
CA ASP A 9 33.36 -10.60 -19.14
C ASP A 9 33.01 -9.36 -18.29
N ILE A 10 33.37 -9.37 -17.00
CA ILE A 10 33.34 -8.15 -16.15
C ILE A 10 34.77 -7.65 -15.99
N THR A 11 35.04 -6.40 -16.38
CA THR A 11 36.32 -5.69 -16.17
C THR A 11 36.23 -4.84 -14.90
N LEU A 12 37.13 -5.05 -13.94
CA LEU A 12 37.21 -4.21 -12.72
C LEU A 12 38.01 -2.96 -13.07
N LEU A 13 37.49 -1.77 -12.80
CA LEU A 13 38.09 -0.49 -13.25
C LEU A 13 38.68 0.27 -12.06
N GLU A 14 37.93 0.48 -10.98
CA GLU A 14 38.51 1.22 -9.83
C GLU A 14 37.83 0.77 -8.54
N CYS A 15 38.60 0.69 -7.48
CA CYS A 15 38.10 0.32 -6.15
C CYS A 15 37.39 1.54 -5.55
N VAL A 16 36.14 1.39 -5.12
CA VAL A 16 35.37 2.52 -4.55
C VAL A 16 35.10 2.28 -3.07
N GLY A 17 35.66 1.22 -2.50
CA GLY A 17 35.40 0.91 -1.08
C GLY A 17 36.20 -0.28 -0.63
N LYS A 18 36.78 -0.23 0.56
CA LYS A 18 37.60 -1.34 1.11
C LYS A 18 37.37 -1.39 2.62
N GLY A 19 36.99 -2.55 3.15
CA GLY A 19 36.77 -2.77 4.59
C GLY A 19 37.20 -4.17 5.00
N ARG A 20 36.86 -4.56 6.22
CA ARG A 20 36.86 -5.97 6.71
C ARG A 20 35.93 -6.84 5.86
N TYR A 21 34.77 -6.32 5.43
CA TYR A 21 33.77 -7.07 4.60
C TYR A 21 34.49 -7.63 3.37
N GLY A 22 35.48 -6.90 2.85
CA GLY A 22 35.98 -7.04 1.48
C GLY A 22 36.04 -5.68 0.80
N GLU A 23 35.79 -5.65 -0.50
CA GLU A 23 36.02 -4.47 -1.36
C GLU A 23 34.83 -4.30 -2.30
N VAL A 24 34.57 -3.07 -2.70
CA VAL A 24 33.63 -2.79 -3.81
C VAL A 24 34.37 -2.04 -4.93
N TRP A 25 34.17 -2.56 -6.14
CA TRP A 25 34.77 -2.04 -7.38
C TRP A 25 33.70 -1.47 -8.29
N ARG A 26 34.00 -0.35 -8.92
CA ARG A 26 33.36 0.03 -10.20
C ARG A 26 33.93 -0.88 -11.30
N GLY A 27 33.03 -1.54 -12.00
CA GLY A 27 33.34 -2.50 -13.08
C GLY A 27 32.57 -2.14 -14.33
N SER A 28 32.90 -2.79 -15.43
CA SER A 28 32.23 -2.61 -16.74
C SER A 28 31.69 -3.97 -17.17
N TRP A 29 30.43 -4.04 -17.57
CA TRP A 29 29.82 -5.28 -18.14
C TRP A 29 29.02 -4.85 -19.36
N GLN A 30 29.39 -5.30 -20.57
CA GLN A 30 28.64 -4.94 -21.81
C GLN A 30 28.49 -3.42 -21.88
N GLY A 31 29.58 -2.67 -21.63
CA GLY A 31 29.67 -1.21 -21.84
C GLY A 31 29.03 -0.35 -20.75
N GLU A 32 28.41 -0.96 -19.70
CA GLU A 32 27.69 -0.26 -18.61
C GLU A 32 28.44 -0.39 -17.28
N ASN A 33 28.39 0.62 -16.40
CA ASN A 33 28.97 0.50 -15.05
C ASN A 33 28.13 -0.49 -14.23
N VAL A 34 28.81 -1.37 -13.52
CA VAL A 34 28.24 -2.26 -12.49
C VAL A 34 29.09 -2.10 -11.23
N ALA A 35 28.54 -2.43 -10.09
CA ALA A 35 29.32 -2.47 -8.82
C ALA A 35 29.58 -3.93 -8.49
N VAL A 36 30.83 -4.24 -8.12
CA VAL A 36 31.24 -5.60 -7.83
C VAL A 36 31.74 -5.63 -6.40
N LYS A 37 31.04 -6.36 -5.55
CA LYS A 37 31.49 -6.58 -4.16
C LYS A 37 32.20 -7.92 -4.09
N ILE A 38 33.45 -7.87 -3.65
CA ILE A 38 34.33 -9.05 -3.49
C ILE A 38 34.40 -9.31 -1.99
N PHE A 39 33.87 -10.43 -1.54
CA PHE A 39 33.77 -10.75 -0.10
C PHE A 39 35.10 -11.31 0.43
N SER A 40 35.49 -10.93 1.64
CA SER A 40 36.49 -11.75 2.39
C SER A 40 35.86 -13.08 2.79
N SER A 41 36.62 -14.18 2.86
CA SER A 41 36.13 -15.47 3.42
C SER A 41 35.57 -15.28 4.85
N ARG A 42 36.11 -14.32 5.60
CA ARG A 42 35.66 -13.96 6.96
C ARG A 42 34.18 -13.53 6.94
N ASP A 43 33.69 -12.96 5.81
CA ASP A 43 32.28 -12.49 5.69
C ASP A 43 31.54 -13.27 4.59
N GLU A 44 31.86 -14.55 4.41
CA GLU A 44 31.13 -15.40 3.42
C GLU A 44 29.66 -15.48 3.80
N LYS A 45 29.30 -15.49 5.08
CA LYS A 45 27.88 -15.67 5.46
C LYS A 45 27.06 -14.53 4.88
N SER A 46 27.59 -13.32 4.76
CA SER A 46 26.83 -12.18 4.20
C SER A 46 26.49 -12.45 2.74
N TRP A 47 27.43 -13.03 2.00
CA TRP A 47 27.18 -13.40 0.57
C TRP A 47 26.13 -14.50 0.50
N PHE A 48 26.25 -15.49 1.36
CA PHE A 48 25.28 -16.60 1.39
C PHE A 48 23.88 -16.09 1.74
N ARG A 49 23.78 -15.15 2.70
CA ARG A 49 22.44 -14.73 3.14
C ARG A 49 21.76 -13.94 2.02
N GLU A 50 22.49 -13.01 1.45
CA GLU A 50 21.93 -12.12 0.38
C GLU A 50 21.57 -13.01 -0.83
N THR A 51 22.43 -13.95 -1.17
CA THR A 51 22.18 -14.87 -2.30
C THR A 51 20.93 -15.70 -1.98
N GLU A 52 20.85 -16.32 -0.80
CA GLU A 52 19.68 -17.14 -0.43
C GLU A 52 18.43 -16.29 -0.55
N LEU A 53 18.48 -15.05 -0.06
CA LEU A 53 17.28 -14.18 -0.12
C LEU A 53 16.87 -13.95 -1.60
N TYR A 54 17.81 -13.58 -2.46
CA TYR A 54 17.48 -13.25 -3.86
C TYR A 54 17.07 -14.50 -4.64
N ASN A 55 17.52 -15.68 -4.20
CA ASN A 55 17.12 -16.96 -4.82
C ASN A 55 15.70 -17.27 -4.37
N THR A 56 15.26 -16.71 -3.24
CA THR A 56 13.88 -16.88 -2.71
C THR A 56 12.93 -15.90 -3.38
N VAL A 57 13.33 -14.64 -3.43
CA VAL A 57 12.46 -13.55 -3.94
C VAL A 57 13.38 -12.59 -4.69
N MET A 58 13.08 -12.37 -5.97
CA MET A 58 13.89 -11.44 -6.78
C MET A 58 13.33 -10.02 -6.56
N LEU A 59 13.86 -9.34 -5.53
CA LEU A 59 13.38 -8.00 -5.18
C LEU A 59 13.62 -7.08 -6.36
N ARG A 60 12.64 -6.29 -6.72
CA ARG A 60 12.77 -5.26 -7.77
C ARG A 60 11.99 -4.06 -7.29
N HIS A 61 12.72 -3.02 -6.94
CA HIS A 61 12.10 -1.79 -6.39
C HIS A 61 13.06 -0.63 -6.60
N GLU A 62 12.52 0.52 -7.01
CA GLU A 62 13.34 1.70 -7.32
C GLU A 62 14.18 2.12 -6.12
N ASN A 63 13.78 1.77 -4.89
CA ASN A 63 14.55 2.20 -3.70
C ASN A 63 15.29 1.03 -3.01
N ILE A 64 15.55 -0.07 -3.74
N ILE A 64 15.55 -0.07 -3.73
CA ILE A 64 16.39 -1.20 -3.32
CA ILE A 64 16.40 -1.19 -3.27
C ILE A 64 17.52 -1.31 -4.35
C ILE A 64 17.50 -1.39 -4.32
N LEU A 65 18.77 -1.40 -3.90
CA LEU A 65 19.89 -1.52 -4.85
C LEU A 65 19.62 -2.69 -5.81
N GLY A 66 19.75 -2.42 -7.10
CA GLY A 66 19.34 -3.43 -8.10
C GLY A 66 20.32 -4.58 -8.21
N PHE A 67 19.81 -5.80 -7.99
CA PHE A 67 20.59 -7.06 -8.11
C PHE A 67 20.84 -7.39 -9.58
N ILE A 68 22.09 -7.71 -9.89
CA ILE A 68 22.46 -8.25 -11.22
C ILE A 68 22.87 -9.74 -11.09
N ALA A 69 23.83 -10.09 -10.24
CA ALA A 69 24.33 -11.47 -10.21
C ALA A 69 24.99 -11.77 -8.86
N SER A 70 25.00 -13.03 -8.53
CA SER A 70 25.80 -13.58 -7.42
C SER A 70 26.64 -14.74 -7.96
N ASP A 71 27.95 -14.65 -7.84
CA ASP A 71 28.90 -15.59 -8.49
C ASP A 71 29.79 -16.23 -7.43
N MET A 72 29.95 -17.53 -7.51
CA MET A 72 30.98 -18.26 -6.75
C MET A 72 31.95 -18.83 -7.78
N THR A 73 33.23 -18.52 -7.66
CA THR A 73 34.27 -19.12 -8.56
C THR A 73 35.28 -19.90 -7.72
N SER A 74 35.78 -21.03 -8.23
CA SER A 74 36.64 -21.97 -7.48
C SER A 74 38.11 -21.56 -7.63
N SER A 78 40.81 -22.12 -3.09
CA SER A 78 39.84 -21.29 -2.32
C SER A 78 38.62 -20.98 -3.21
N THR A 79 37.62 -20.37 -2.60
CA THR A 79 36.38 -19.89 -3.25
C THR A 79 36.41 -18.37 -3.31
N GLN A 80 36.02 -17.77 -4.44
CA GLN A 80 35.83 -16.30 -4.56
C GLN A 80 34.32 -16.06 -4.64
N LEU A 81 33.81 -15.13 -3.83
CA LEU A 81 32.37 -14.82 -3.79
C LEU A 81 32.22 -13.36 -4.21
N TRP A 82 31.37 -13.13 -5.22
N TRP A 82 31.39 -13.13 -5.24
CA TRP A 82 31.17 -11.81 -5.87
CA TRP A 82 31.16 -11.80 -5.85
C TRP A 82 29.67 -11.50 -5.84
C TRP A 82 29.66 -11.51 -5.80
N LEU A 83 29.30 -10.27 -5.50
CA LEU A 83 27.90 -9.80 -5.66
C LEU A 83 27.97 -8.66 -6.66
N ILE A 84 27.14 -8.67 -7.70
CA ILE A 84 27.19 -7.64 -8.78
C ILE A 84 25.85 -6.93 -8.80
N THR A 85 25.89 -5.61 -8.69
CA THR A 85 24.67 -4.77 -8.63
C THR A 85 24.76 -3.58 -9.56
N HIS A 86 23.67 -2.87 -9.68
CA HIS A 86 23.67 -1.49 -10.23
C HIS A 86 24.78 -0.68 -9.56
N TYR A 87 25.30 0.26 -10.34
CA TYR A 87 26.36 1.19 -9.88
C TYR A 87 25.77 2.60 -9.78
N HIS A 88 25.90 3.19 -8.60
CA HIS A 88 25.41 4.56 -8.33
C HIS A 88 26.60 5.49 -8.11
N GLU A 89 26.88 6.30 -9.14
CA GLU A 89 28.17 7.05 -9.19
C GLU A 89 28.23 8.10 -8.08
N MET A 90 27.10 8.57 -7.56
CA MET A 90 27.09 9.61 -6.51
C MET A 90 27.53 9.01 -5.15
N GLY A 91 27.59 7.69 -5.05
CA GLY A 91 28.07 7.01 -3.85
C GLY A 91 27.02 6.91 -2.74
N SER A 92 27.47 6.64 -1.52
CA SER A 92 26.54 6.43 -0.38
C SER A 92 26.03 7.77 0.13
N LEU A 93 24.89 7.71 0.79
CA LEU A 93 24.35 8.91 1.49
C LEU A 93 25.38 9.47 2.46
N TYR A 94 26.12 8.63 3.17
CA TYR A 94 27.19 9.05 4.10
C TYR A 94 28.20 9.94 3.35
N ASP A 95 28.67 9.53 2.18
N ASP A 95 28.65 9.48 2.18
CA ASP A 95 29.67 10.36 1.44
CA ASP A 95 29.60 10.20 1.28
C ASP A 95 28.97 11.59 0.85
C ASP A 95 28.95 11.54 0.88
N TYR A 96 27.73 11.47 0.35
CA TYR A 96 26.99 12.57 -0.32
C TYR A 96 26.75 13.71 0.67
N LEU A 97 26.37 13.37 1.90
CA LEU A 97 26.00 14.41 2.91
C LEU A 97 27.23 15.17 3.38
N GLN A 98 28.42 14.65 3.19
CA GLN A 98 29.65 15.38 3.55
C GLN A 98 29.95 16.45 2.50
N LEU A 99 29.49 16.32 1.26
CA LEU A 99 29.95 17.30 0.24
C LEU A 99 28.77 18.09 -0.32
N THR A 100 27.59 18.04 0.30
CA THR A 100 26.51 18.91 -0.17
C THR A 100 25.53 19.23 0.97
N THR A 101 24.85 20.33 0.80
CA THR A 101 23.66 20.69 1.60
C THR A 101 22.43 20.44 0.75
N LEU A 102 21.29 20.47 1.40
CA LEU A 102 20.00 20.10 0.81
C LEU A 102 19.02 21.27 0.95
N ASP A 103 18.05 21.32 0.05
CA ASP A 103 16.88 22.21 0.20
C ASP A 103 15.73 21.33 0.64
N THR A 104 14.57 21.94 0.84
CA THR A 104 13.38 21.25 1.33
C THR A 104 13.03 20.08 0.39
N VAL A 105 12.96 20.35 -0.91
CA VAL A 105 12.53 19.32 -1.88
C VAL A 105 13.52 18.17 -1.92
N SER A 106 14.82 18.44 -1.96
N SER A 106 14.82 18.41 -1.98
CA SER A 106 15.88 17.41 -2.05
CA SER A 106 15.84 17.33 -2.07
C SER A 106 15.90 16.57 -0.78
C SER A 106 15.85 16.54 -0.76
N CYS A 107 15.70 17.20 0.39
CA CYS A 107 15.73 16.49 1.69
C CYS A 107 14.53 15.57 1.79
N LEU A 108 13.34 16.04 1.44
CA LEU A 108 12.12 15.20 1.51
C LEU A 108 12.22 14.03 0.51
N ARG A 109 12.74 14.29 -0.66
CA ARG A 109 12.83 13.25 -1.73
C ARG A 109 13.77 12.14 -1.26
N ILE A 110 14.86 12.52 -0.61
CA ILE A 110 15.81 11.55 0.00
C ILE A 110 15.10 10.71 1.06
N VAL A 111 14.49 11.34 2.03
CA VAL A 111 13.96 10.58 3.18
C VAL A 111 12.74 9.76 2.78
N LEU A 112 11.88 10.27 1.90
CA LEU A 112 10.70 9.51 1.48
C LEU A 112 11.16 8.31 0.65
N SER A 113 12.21 8.46 -0.15
CA SER A 113 12.68 7.33 -0.99
C SER A 113 13.21 6.24 -0.04
N ILE A 114 13.90 6.63 1.02
CA ILE A 114 14.43 5.60 1.96
C ILE A 114 13.23 4.93 2.61
N ALA A 115 12.26 5.71 3.11
CA ALA A 115 11.05 5.12 3.74
C ALA A 115 10.33 4.15 2.78
N SER A 116 10.30 4.51 1.51
N SER A 116 10.28 4.50 1.50
CA SER A 116 9.63 3.69 0.47
CA SER A 116 9.62 3.67 0.46
C SER A 116 10.37 2.37 0.32
C SER A 116 10.37 2.35 0.29
N GLY A 117 11.71 2.40 0.24
CA GLY A 117 12.51 1.17 0.17
C GLY A 117 12.28 0.31 1.39
N LEU A 118 12.27 0.95 2.55
CA LEU A 118 12.15 0.18 3.81
C LEU A 118 10.76 -0.45 3.93
N ALA A 119 9.70 0.29 3.60
CA ALA A 119 8.33 -0.23 3.64
C ALA A 119 8.21 -1.39 2.67
N HIS A 120 8.86 -1.32 1.53
CA HIS A 120 8.83 -2.44 0.56
C HIS A 120 9.50 -3.67 1.17
N LEU A 121 10.67 -3.52 1.78
CA LEU A 121 11.29 -4.64 2.51
C LEU A 121 10.31 -5.23 3.53
N HIS A 122 9.76 -4.39 4.39
CA HIS A 122 8.96 -4.82 5.56
C HIS A 122 7.68 -5.57 5.20
N ILE A 123 7.06 -5.27 4.05
CA ILE A 123 5.66 -5.74 3.75
C ILE A 123 5.68 -7.15 3.14
N GLU A 124 4.85 -8.02 3.67
CA GLU A 124 4.56 -9.32 3.04
C GLU A 124 3.52 -9.08 1.94
N ILE A 125 3.78 -9.61 0.76
CA ILE A 125 2.81 -9.55 -0.38
C ILE A 125 2.50 -11.00 -0.75
N PHE A 126 1.21 -11.37 -0.78
CA PHE A 126 0.76 -12.75 -1.09
C PHE A 126 0.96 -13.00 -2.59
N GLY A 127 1.20 -14.26 -2.98
CA GLY A 127 1.11 -14.70 -4.38
C GLY A 127 2.46 -15.05 -4.98
N THR A 128 2.42 -15.80 -6.09
CA THR A 128 3.51 -16.03 -7.06
C THR A 128 4.35 -14.75 -7.20
N GLN A 129 3.72 -13.59 -7.41
CA GLN A 129 4.40 -12.30 -7.74
C GLN A 129 4.77 -11.53 -6.45
N GLY A 130 4.66 -12.15 -5.28
CA GLY A 130 4.75 -11.44 -3.98
C GLY A 130 6.13 -11.52 -3.35
N LYS A 131 6.16 -11.43 -2.02
CA LYS A 131 7.43 -11.50 -1.26
C LYS A 131 7.14 -11.77 0.20
N PRO A 132 8.09 -12.41 0.89
CA PRO A 132 8.05 -12.48 2.34
C PRO A 132 8.40 -11.08 2.89
N ALA A 133 7.95 -10.82 4.09
CA ALA A 133 8.43 -9.65 4.85
C ALA A 133 9.93 -9.84 5.08
N ILE A 134 10.66 -8.72 5.11
CA ILE A 134 12.13 -8.70 5.29
C ILE A 134 12.47 -7.56 6.25
N ALA A 135 13.33 -7.83 7.22
CA ALA A 135 13.99 -6.79 8.03
C ALA A 135 15.45 -6.73 7.62
N HIS A 136 15.99 -5.52 7.51
CA HIS A 136 17.36 -5.25 7.01
C HIS A 136 18.41 -5.60 8.05
N ARG A 137 18.28 -5.04 9.25
CA ARG A 137 19.14 -5.29 10.43
C ARG A 137 20.50 -4.56 10.37
N ASP A 138 20.81 -3.74 9.36
CA ASP A 138 22.03 -2.91 9.38
C ASP A 138 21.80 -1.64 8.59
N LEU A 139 20.68 -0.98 8.82
CA LEU A 139 20.37 0.25 8.09
C LEU A 139 21.25 1.34 8.66
N LYS A 140 21.80 2.16 7.79
CA LYS A 140 22.69 3.28 8.15
C LYS A 140 22.99 4.04 6.87
N SER A 141 23.57 5.23 6.99
CA SER A 141 23.79 6.09 5.81
C SER A 141 24.83 5.48 4.85
N LYS A 142 25.77 4.68 5.32
CA LYS A 142 26.75 4.00 4.43
C LYS A 142 26.09 2.85 3.64
N ASN A 143 24.90 2.40 4.02
CA ASN A 143 24.16 1.30 3.34
C ASN A 143 23.00 1.85 2.53
N ILE A 144 23.07 3.13 2.21
CA ILE A 144 22.08 3.79 1.33
C ILE A 144 22.87 4.48 0.23
N LEU A 145 22.47 4.26 -1.02
CA LEU A 145 23.14 4.92 -2.17
CA LEU A 145 23.14 4.92 -2.18
C LEU A 145 22.26 6.04 -2.73
N VAL A 146 22.90 7.08 -3.24
CA VAL A 146 22.21 8.23 -3.84
C VAL A 146 22.21 8.01 -5.35
N LYS A 147 21.02 8.00 -5.94
CA LYS A 147 20.84 7.83 -7.41
C LYS A 147 20.87 9.20 -8.08
N LYS A 148 21.14 9.19 -9.38
CA LYS A 148 21.24 10.45 -10.17
C LYS A 148 19.94 11.24 -10.11
N ASN A 149 18.80 10.56 -9.96
CA ASN A 149 17.49 11.25 -9.94
C ASN A 149 17.15 11.83 -8.58
N GLY A 150 18.04 11.72 -7.60
CA GLY A 150 17.80 12.39 -6.31
C GLY A 150 17.12 11.48 -5.31
N GLN A 151 16.63 10.32 -5.74
CA GLN A 151 16.11 9.31 -4.82
C GLN A 151 17.28 8.47 -4.35
N CYS A 152 17.10 7.76 -3.25
CA CYS A 152 18.07 6.78 -2.71
C CYS A 152 17.61 5.34 -2.89
N CYS A 153 18.54 4.44 -2.72
CA CYS A 153 18.21 3.02 -2.63
C CYS A 153 18.99 2.37 -1.49
N ILE A 154 18.37 1.37 -0.87
CA ILE A 154 18.93 0.64 0.28
C ILE A 154 19.75 -0.52 -0.24
N ALA A 155 20.91 -0.72 0.37
CA ALA A 155 21.93 -1.71 -0.02
C ALA A 155 22.28 -2.63 1.17
N ASP A 156 22.82 -3.81 0.87
CA ASP A 156 23.47 -4.75 1.81
C ASP A 156 22.41 -5.51 2.60
N LEU A 157 22.00 -6.65 2.06
CA LEU A 157 21.02 -7.54 2.73
C LEU A 157 21.76 -8.72 3.35
N GLY A 158 23.05 -8.59 3.62
CA GLY A 158 23.83 -9.66 4.26
C GLY A 158 23.35 -10.03 5.64
N LEU A 159 22.73 -9.14 6.41
CA LEU A 159 22.17 -9.43 7.75
C LEU A 159 20.66 -9.54 7.70
N ALA A 160 20.07 -9.46 6.50
CA ALA A 160 18.61 -9.41 6.40
C ALA A 160 17.99 -10.71 6.88
N VAL A 161 16.77 -10.62 7.36
CA VAL A 161 15.94 -11.78 7.71
C VAL A 161 14.57 -11.70 7.05
N MET A 162 14.21 -12.80 6.43
CA MET A 162 12.88 -13.07 5.86
C MET A 162 11.97 -13.69 6.94
N HIS A 163 10.74 -13.21 7.00
N HIS A 163 10.70 -13.25 6.94
CA HIS A 163 9.65 -13.81 7.83
CA HIS A 163 9.50 -13.97 7.47
C HIS A 163 9.12 -15.05 7.09
C HIS A 163 9.23 -13.55 8.91
N ASN A 174 25.97 -12.07 7.72
CA ASN A 174 25.18 -12.90 8.68
C ASN A 174 26.12 -13.61 9.67
N ASN A 175 25.60 -14.54 10.49
CA ASN A 175 26.33 -15.43 11.45
C ASN A 175 27.15 -14.60 12.43
N PRO A 176 28.51 -14.58 12.39
CA PRO A 176 29.27 -13.77 13.34
C PRO A 176 28.95 -12.26 13.22
N ARG A 177 28.58 -11.81 12.03
CA ARG A 177 28.28 -10.39 11.79
C ARG A 177 27.10 -9.94 12.64
N VAL A 178 27.17 -8.75 13.24
CA VAL A 178 26.00 -8.13 13.94
C VAL A 178 25.85 -6.72 13.36
N GLY A 179 24.79 -6.05 13.74
CA GLY A 179 24.53 -4.69 13.25
C GLY A 179 25.63 -3.70 13.68
N THR A 180 25.77 -2.61 12.96
CA THR A 180 26.67 -1.50 13.32
C THR A 180 26.25 -0.91 14.67
N LYS A 181 27.18 -0.91 15.62
CA LYS A 181 26.82 -0.65 17.04
CA LYS A 181 26.82 -0.65 17.03
C LYS A 181 26.25 0.76 17.21
N ARG A 182 26.78 1.72 16.50
CA ARG A 182 26.32 3.13 16.60
C ARG A 182 24.81 3.23 16.33
N TYR A 183 24.28 2.38 15.46
CA TYR A 183 22.85 2.43 15.09
C TYR A 183 22.01 1.38 15.79
N MET A 184 22.54 0.63 16.77
CA MET A 184 21.73 -0.40 17.43
C MET A 184 20.65 0.19 18.33
N ALA A 185 19.44 -0.36 18.24
CA ALA A 185 18.31 0.06 19.08
C ALA A 185 18.54 -0.34 20.53
N PRO A 186 17.87 0.34 21.49
CA PRO A 186 18.07 0.01 22.90
C PRO A 186 17.84 -1.47 23.24
N GLU A 187 16.81 -2.11 22.67
CA GLU A 187 16.52 -3.51 22.99
C GLU A 187 17.60 -4.44 22.47
N VAL A 188 18.39 -4.05 21.47
CA VAL A 188 19.57 -4.82 20.99
C VAL A 188 20.69 -4.65 22.02
N LEU A 189 20.90 -3.42 22.47
CA LEU A 189 22.03 -3.14 23.36
C LEU A 189 21.75 -3.74 24.75
N ASP A 190 20.50 -3.79 25.20
CA ASP A 190 20.23 -4.35 26.55
C ASP A 190 19.82 -5.82 26.44
N GLU A 191 19.85 -6.40 25.24
CA GLU A 191 19.60 -7.84 24.97
C GLU A 191 18.21 -8.24 25.45
N THR A 192 17.25 -7.34 25.41
CA THR A 192 15.83 -7.65 25.73
C THR A 192 15.05 -7.91 24.46
N ILE A 193 15.64 -7.69 23.29
CA ILE A 193 14.89 -7.94 22.04
C ILE A 193 14.31 -9.36 22.05
N GLN A 194 13.03 -9.49 21.66
CA GLN A 194 12.32 -10.78 21.54
C GLN A 194 12.76 -11.41 20.21
N VAL A 195 13.76 -12.28 20.26
CA VAL A 195 14.54 -12.73 19.08
C VAL A 195 13.70 -13.62 18.16
N ASP A 196 12.59 -14.21 18.62
CA ASP A 196 11.77 -15.09 17.74
C ASP A 196 10.53 -14.33 17.30
N CYS A 197 10.53 -13.00 17.39
CA CYS A 197 9.36 -12.19 16.98
C CYS A 197 9.80 -11.33 15.78
N PHE A 198 9.25 -11.57 14.59
CA PHE A 198 9.69 -10.86 13.37
C PHE A 198 9.46 -9.35 13.54
N ASP A 199 8.37 -8.93 14.15
CA ASP A 199 8.06 -7.49 14.30
C ASP A 199 9.20 -6.80 15.07
N SER A 200 9.85 -7.47 15.99
CA SER A 200 11.01 -6.92 16.72
C SER A 200 12.06 -6.38 15.74
N TYR A 201 12.33 -7.10 14.67
CA TYR A 201 13.43 -6.74 13.74
C TYR A 201 12.98 -5.53 12.93
N LYS A 202 11.70 -5.46 12.54
CA LYS A 202 11.21 -4.24 11.87
C LYS A 202 11.44 -3.03 12.77
N ARG A 203 11.20 -3.16 14.07
CA ARG A 203 11.25 -2.02 15.00
C ARG A 203 12.71 -1.58 15.17
N VAL A 204 13.64 -2.49 15.08
CA VAL A 204 15.10 -2.18 15.11
C VAL A 204 15.45 -1.35 13.87
N ASP A 205 14.88 -1.70 12.72
CA ASP A 205 15.12 -0.93 11.46
C ASP A 205 14.56 0.47 11.62
N ILE A 206 13.40 0.61 12.25
CA ILE A 206 12.77 1.95 12.39
C ILE A 206 13.65 2.85 13.26
N TRP A 207 14.20 2.32 14.34
CA TRP A 207 15.16 3.08 15.16
C TRP A 207 16.29 3.63 14.30
N ALA A 208 16.91 2.76 13.51
CA ALA A 208 18.07 3.14 12.68
C ALA A 208 17.61 4.16 11.63
N PHE A 209 16.41 3.99 11.08
CA PHE A 209 15.85 4.94 10.10
C PHE A 209 15.77 6.32 10.74
N GLY A 210 15.31 6.40 11.97
CA GLY A 210 15.21 7.70 12.67
C GLY A 210 16.58 8.36 12.76
N LEU A 211 17.62 7.59 13.04
CA LEU A 211 19.01 8.14 13.09
C LEU A 211 19.42 8.68 11.71
N VAL A 212 19.14 7.93 10.67
CA VAL A 212 19.43 8.36 9.28
C VAL A 212 18.67 9.65 8.96
N LEU A 213 17.41 9.75 9.38
N LEU A 213 17.39 9.74 9.35
CA LEU A 213 16.59 10.95 9.13
CA LEU A 213 16.58 10.97 9.16
C LEU A 213 17.25 12.16 9.82
C LEU A 213 17.33 12.15 9.79
N TRP A 214 17.78 11.98 11.04
CA TRP A 214 18.54 13.03 11.77
C TRP A 214 19.79 13.43 10.99
N GLU A 215 20.51 12.47 10.45
CA GLU A 215 21.78 12.74 9.69
C GLU A 215 21.46 13.61 8.46
N VAL A 216 20.37 13.32 7.79
CA VAL A 216 19.99 14.04 6.55
C VAL A 216 19.44 15.43 6.91
N ALA A 217 18.55 15.53 7.90
CA ALA A 217 17.87 16.79 8.27
C ALA A 217 18.94 17.82 8.66
N ARG A 218 20.01 17.43 9.32
CA ARG A 218 21.09 18.38 9.69
C ARG A 218 21.60 19.14 8.45
N ARG A 219 21.62 18.49 7.29
CA ARG A 219 22.24 19.06 6.08
C ARG A 219 21.21 19.86 5.26
N MET A 220 19.97 19.97 5.70
CA MET A 220 18.92 20.79 5.01
C MET A 220 19.06 22.24 5.49
N VAL A 221 19.24 23.17 4.55
CA VAL A 221 19.40 24.62 4.90
C VAL A 221 18.06 25.20 5.31
N SER A 222 18.06 26.02 6.37
CA SER A 222 16.89 26.87 6.68
C SER A 222 17.42 28.22 7.19
N ASN A 223 16.80 29.31 6.77
N ASN A 223 16.83 29.30 6.70
CA ASN A 223 17.17 30.68 7.22
CA ASN A 223 17.13 30.66 7.21
C ASN A 223 18.69 30.85 7.14
C ASN A 223 18.65 30.85 7.14
N GLY A 224 19.31 30.30 6.10
CA GLY A 224 20.75 30.44 5.87
C GLY A 224 21.60 29.60 6.80
N ILE A 225 21.01 28.69 7.57
CA ILE A 225 21.80 27.89 8.56
C ILE A 225 21.77 26.41 8.14
N VAL A 226 22.87 25.73 8.42
CA VAL A 226 22.97 24.26 8.25
C VAL A 226 23.90 23.70 9.33
N GLU A 227 23.67 22.49 9.79
CA GLU A 227 24.68 21.82 10.62
C GLU A 227 25.70 21.10 9.75
N ASP A 228 26.91 20.91 10.27
CA ASP A 228 27.96 20.09 9.67
C ASP A 228 27.50 18.61 9.67
N TYR A 229 27.93 17.84 8.69
CA TYR A 229 27.65 16.40 8.73
C TYR A 229 28.27 15.84 10.03
N LYS A 230 27.50 15.08 10.78
CA LYS A 230 28.02 14.24 11.89
C LYS A 230 27.24 12.93 11.89
N PRO A 231 27.88 11.85 12.35
CA PRO A 231 27.18 10.60 12.58
C PRO A 231 26.38 10.69 13.87
N PRO A 232 25.34 9.86 13.99
CA PRO A 232 24.53 9.86 15.22
C PRO A 232 25.46 9.62 16.44
N PHE A 233 25.22 10.33 17.53
CA PHE A 233 25.90 10.16 18.84
C PHE A 233 27.37 10.57 18.75
N TYR A 234 27.74 11.38 17.77
CA TYR A 234 29.11 11.90 17.57
C TYR A 234 29.63 12.60 18.82
N ASP A 235 28.72 13.16 19.62
CA ASP A 235 29.09 14.05 20.74
C ASP A 235 29.19 13.26 22.05
N VAL A 236 28.80 11.99 22.06
CA VAL A 236 28.69 11.23 23.34
C VAL A 236 29.38 9.89 23.31
N VAL A 237 29.89 9.41 22.17
CA VAL A 237 30.65 8.13 22.09
C VAL A 237 31.88 8.36 21.24
N PRO A 238 32.93 7.55 21.46
CA PRO A 238 34.11 7.60 20.61
C PRO A 238 33.86 7.06 19.20
N ASN A 239 34.83 7.27 18.29
CA ASN A 239 34.87 6.47 17.04
C ASN A 239 34.89 5.00 17.40
N ASP A 240 34.23 4.19 16.60
CA ASP A 240 34.16 2.74 16.79
C ASP A 240 33.75 2.50 18.23
N PRO A 241 32.53 2.98 18.59
CA PRO A 241 32.07 2.88 19.96
C PRO A 241 31.87 1.41 20.33
N SER A 242 32.16 1.09 21.58
CA SER A 242 31.91 -0.27 22.07
C SER A 242 30.43 -0.48 22.33
N PHE A 243 30.07 -1.74 22.46
CA PHE A 243 28.72 -2.16 22.83
C PHE A 243 28.36 -1.47 24.16
N GLU A 244 29.26 -1.52 25.15
CA GLU A 244 29.03 -0.86 26.47
C GLU A 244 28.90 0.66 26.31
N ASP A 245 29.73 1.30 25.49
CA ASP A 245 29.63 2.76 25.25
C ASP A 245 28.21 3.10 24.80
N MET A 246 27.70 2.35 23.83
CA MET A 246 26.37 2.59 23.25
C MET A 246 25.29 2.29 24.29
N ARG A 247 25.38 1.18 25.00
CA ARG A 247 24.39 0.78 26.01
C ARG A 247 24.25 1.89 27.06
N LYS A 248 25.35 2.44 27.50
CA LYS A 248 25.28 3.47 28.56
CA LYS A 248 25.30 3.48 28.56
C LYS A 248 24.55 4.71 28.04
N VAL A 249 24.83 5.13 26.81
CA VAL A 249 24.17 6.32 26.22
C VAL A 249 22.70 6.02 25.97
N VAL A 250 22.38 4.95 25.25
CA VAL A 250 21.03 4.73 24.70
C VAL A 250 20.09 4.08 25.72
N CYS A 251 20.58 3.17 26.55
CA CYS A 251 19.71 2.39 27.46
C CYS A 251 19.71 3.03 28.85
N VAL A 252 20.87 3.33 29.37
CA VAL A 252 21.00 3.72 30.81
C VAL A 252 20.61 5.18 30.96
N ASP A 253 21.24 6.06 30.16
CA ASP A 253 20.98 7.52 30.16
C ASP A 253 19.80 7.90 29.27
N GLN A 254 19.40 7.01 28.35
CA GLN A 254 18.24 7.22 27.45
C GLN A 254 18.47 8.49 26.64
N GLN A 255 19.72 8.75 26.24
CA GLN A 255 20.01 9.90 25.35
C GLN A 255 19.48 9.64 23.96
N ARG A 256 19.18 10.74 23.27
CA ARG A 256 18.73 10.74 21.88
C ARG A 256 19.49 11.86 21.18
N PRO A 257 19.63 11.77 19.84
CA PRO A 257 20.24 12.88 19.10
C PRO A 257 19.55 14.20 19.37
N ASN A 258 20.36 15.24 19.52
N ASN A 258 20.39 15.24 19.45
CA ASN A 258 19.86 16.59 19.88
CA ASN A 258 20.01 16.65 19.68
C ASN A 258 19.23 17.23 18.63
C ASN A 258 19.18 17.20 18.52
N ILE A 259 18.06 17.85 18.82
CA ILE A 259 17.33 18.64 17.79
C ILE A 259 17.74 20.09 17.99
N PRO A 260 18.45 20.71 17.02
CA PRO A 260 18.82 22.12 17.12
C PRO A 260 17.63 23.07 17.13
N ASN A 261 17.80 24.19 17.84
CA ASN A 261 16.71 25.17 17.94
C ASN A 261 16.27 25.64 16.54
N ARG A 262 17.23 25.85 15.67
CA ARG A 262 16.94 26.42 14.32
C ARG A 262 15.94 25.54 13.57
N TRP A 263 15.84 24.22 13.85
CA TRP A 263 14.84 23.40 13.14
C TRP A 263 13.41 23.90 13.42
N PHE A 264 13.17 24.46 14.62
CA PHE A 264 11.80 24.83 15.06
C PHE A 264 11.34 26.13 14.41
N SER A 265 12.17 26.79 13.63
CA SER A 265 11.79 27.95 12.78
C SER A 265 11.37 27.49 11.39
N ASP A 266 11.52 26.20 11.08
CA ASP A 266 11.30 25.68 9.72
C ASP A 266 10.22 24.62 9.78
N PRO A 267 9.12 24.72 8.98
CA PRO A 267 8.00 23.79 9.14
C PRO A 267 8.42 22.36 8.76
N THR A 268 9.27 22.24 7.75
CA THR A 268 9.74 20.93 7.28
C THR A 268 10.56 20.26 8.39
N LEU A 269 11.56 20.96 8.89
CA LEU A 269 12.43 20.38 9.96
C LEU A 269 11.63 20.13 11.24
N THR A 270 10.62 20.95 11.56
CA THR A 270 9.79 20.70 12.76
C THR A 270 9.07 19.38 12.57
N SER A 271 8.50 19.15 11.39
CA SER A 271 7.78 17.89 11.09
C SER A 271 8.76 16.71 11.12
N LEU A 272 9.97 16.90 10.60
CA LEU A 272 10.96 15.83 10.58
C LEU A 272 11.39 15.50 12.02
N ALA A 273 11.57 16.49 12.87
CA ALA A 273 11.94 16.25 14.28
C ALA A 273 10.89 15.42 15.00
N LYS A 274 9.60 15.71 14.74
CA LYS A 274 8.49 14.94 15.33
C LYS A 274 8.60 13.50 14.85
N LEU A 275 8.87 13.32 13.58
CA LEU A 275 8.94 11.96 12.99
C LEU A 275 10.08 11.19 13.64
N MET A 276 11.25 11.80 13.77
CA MET A 276 12.41 11.07 14.32
C MET A 276 12.14 10.75 15.80
N LYS A 277 11.49 11.61 16.58
CA LYS A 277 11.03 11.29 17.96
C LYS A 277 10.19 10.03 17.97
N GLU A 278 9.34 9.82 16.97
CA GLU A 278 8.42 8.67 16.95
C GLU A 278 9.11 7.41 16.45
N CYS A 279 10.36 7.53 16.01
CA CYS A 279 11.21 6.35 15.68
C CYS A 279 12.07 5.94 16.86
N TRP A 280 12.16 6.76 17.93
CA TRP A 280 13.19 6.56 18.99
C TRP A 280 12.58 6.21 20.34
N TYR A 281 11.30 5.88 20.40
CA TYR A 281 10.70 5.46 21.68
C TYR A 281 11.49 4.28 22.25
N GLN A 282 11.72 4.27 23.57
CA GLN A 282 12.30 3.12 24.30
CA GLN A 282 12.34 3.11 24.25
C GLN A 282 11.50 1.86 24.02
N ASN A 283 10.19 1.97 24.10
CA ASN A 283 9.25 0.85 23.87
C ASN A 283 9.16 0.63 22.36
N PRO A 284 9.71 -0.48 21.84
CA PRO A 284 9.75 -0.70 20.40
C PRO A 284 8.36 -0.70 19.76
N SER A 285 7.33 -1.19 20.46
N SER A 285 7.35 -1.19 20.48
CA SER A 285 5.97 -1.28 19.89
CA SER A 285 5.93 -1.28 20.04
C SER A 285 5.31 0.11 19.79
C SER A 285 5.32 0.11 19.79
N ALA A 286 5.87 1.17 20.40
CA ALA A 286 5.36 2.54 20.26
C ALA A 286 5.87 3.19 18.96
N ARG A 287 6.93 2.63 18.35
CA ARG A 287 7.56 3.30 17.19
C ARG A 287 6.61 3.24 15.99
N LEU A 288 6.72 4.25 15.13
CA LEU A 288 5.95 4.33 13.87
C LEU A 288 6.35 3.14 12.99
N THR A 289 5.43 2.68 12.14
CA THR A 289 5.75 1.77 11.03
C THR A 289 6.30 2.53 9.84
N ALA A 290 7.04 1.82 8.96
CA ALA A 290 7.57 2.44 7.73
C ALA A 290 6.43 3.00 6.89
N LEU A 291 5.30 2.27 6.80
CA LEU A 291 4.12 2.78 6.05
C LEU A 291 3.63 4.08 6.67
N ARG A 292 3.56 4.18 8.00
CA ARG A 292 3.07 5.44 8.63
C ARG A 292 4.06 6.57 8.37
N ILE A 293 5.37 6.29 8.42
CA ILE A 293 6.43 7.29 8.07
C ILE A 293 6.22 7.79 6.65
N LYS A 294 6.01 6.89 5.68
CA LYS A 294 5.73 7.33 4.30
C LYS A 294 4.58 8.32 4.25
N LYS A 295 3.47 7.95 4.87
CA LYS A 295 2.26 8.78 4.80
C LYS A 295 2.61 10.15 5.39
N THR A 296 3.25 10.18 6.56
CA THR A 296 3.59 11.47 7.21
C THR A 296 4.44 12.32 6.26
N LEU A 297 5.40 11.70 5.58
CA LEU A 297 6.33 12.44 4.69
C LEU A 297 5.58 12.99 3.48
N THR A 298 4.58 12.27 2.96
CA THR A 298 3.78 12.74 1.81
C THR A 298 2.96 13.97 2.19
N LYS A 299 2.69 14.22 3.47
CA LYS A 299 1.83 15.34 3.92
C LYS A 299 2.70 16.50 4.38
N ILE A 300 4.04 16.36 4.36
CA ILE A 300 4.97 17.48 4.70
C ILE A 300 5.21 18.28 3.41
N ASP A 301 4.81 19.54 3.40
CA ASP A 301 5.15 20.56 2.36
C ASP A 301 4.23 20.42 1.15
N ILE B 10 -29.80 -26.85 -15.11
CA ILE B 10 -29.29 -25.53 -15.64
C ILE B 10 -28.66 -25.71 -17.03
N THR B 11 -29.14 -24.96 -18.02
CA THR B 11 -28.49 -24.81 -19.35
C THR B 11 -27.76 -23.47 -19.43
N LEU B 12 -26.44 -23.49 -19.70
CA LEU B 12 -25.66 -22.25 -19.92
C LEU B 12 -25.89 -21.76 -21.35
N LEU B 13 -26.31 -20.52 -21.54
CA LEU B 13 -26.75 -20.01 -22.86
C LEU B 13 -25.76 -18.99 -23.41
N GLU B 14 -25.32 -18.03 -22.62
CA GLU B 14 -24.57 -16.86 -23.14
C GLU B 14 -23.57 -16.41 -22.08
N CYS B 15 -22.30 -16.38 -22.40
CA CYS B 15 -21.29 -15.75 -21.52
C CYS B 15 -21.46 -14.23 -21.50
N VAL B 16 -21.69 -13.63 -20.33
CA VAL B 16 -21.93 -12.18 -20.16
C VAL B 16 -20.73 -11.52 -19.47
N GLY B 17 -19.70 -12.28 -19.10
CA GLY B 17 -18.49 -11.73 -18.46
C GLY B 17 -17.39 -12.75 -18.35
N LYS B 18 -16.15 -12.32 -18.54
CA LYS B 18 -14.95 -13.19 -18.41
C LYS B 18 -13.82 -12.34 -17.89
N GLY B 19 -13.21 -12.72 -16.77
CA GLY B 19 -11.95 -12.13 -16.29
C GLY B 19 -11.13 -13.17 -15.54
N ARG B 20 -10.32 -12.72 -14.58
CA ARG B 20 -9.43 -13.57 -13.75
C ARG B 20 -10.24 -14.22 -12.62
N TYR B 21 -11.35 -13.62 -12.20
CA TYR B 21 -12.30 -14.22 -11.22
C TYR B 21 -12.89 -15.50 -11.80
N GLY B 22 -13.02 -15.59 -13.13
CA GLY B 22 -13.79 -16.66 -13.76
C GLY B 22 -14.71 -16.04 -14.80
N GLU B 23 -15.94 -16.54 -14.90
CA GLU B 23 -16.88 -16.15 -15.98
C GLU B 23 -18.26 -16.04 -15.38
N VAL B 24 -19.11 -15.20 -15.96
CA VAL B 24 -20.53 -15.23 -15.61
C VAL B 24 -21.31 -15.57 -16.87
N TRP B 25 -22.29 -16.46 -16.71
CA TRP B 25 -23.18 -16.94 -17.79
C TRP B 25 -24.62 -16.63 -17.48
N ARG B 26 -25.34 -16.25 -18.54
CA ARG B 26 -26.80 -16.26 -18.53
C ARG B 26 -27.19 -17.71 -18.74
N GLY B 27 -27.97 -18.26 -17.82
CA GLY B 27 -28.36 -19.68 -17.81
C GLY B 27 -29.86 -19.77 -17.80
N SER B 28 -30.41 -20.92 -18.19
CA SER B 28 -31.85 -21.22 -18.09
C SER B 28 -32.06 -22.28 -17.00
N TRP B 29 -33.00 -22.03 -16.08
CA TRP B 29 -33.37 -22.95 -14.97
C TRP B 29 -34.89 -22.89 -14.77
N GLN B 30 -35.59 -24.02 -14.91
CA GLN B 30 -37.07 -24.09 -14.81
C GLN B 30 -37.67 -22.95 -15.64
N GLY B 31 -37.22 -22.79 -16.89
CA GLY B 31 -37.77 -21.80 -17.86
C GLY B 31 -37.30 -20.36 -17.64
N GLU B 32 -36.61 -20.06 -16.54
CA GLU B 32 -36.29 -18.67 -16.10
C GLU B 32 -34.80 -18.39 -16.34
N ASN B 33 -34.42 -17.17 -16.71
CA ASN B 33 -32.99 -16.78 -16.78
C ASN B 33 -32.44 -16.76 -15.35
N VAL B 34 -31.23 -17.27 -15.17
CA VAL B 34 -30.47 -17.14 -13.89
C VAL B 34 -29.08 -16.71 -14.30
N ALA B 35 -28.30 -16.17 -13.37
CA ALA B 35 -26.89 -15.84 -13.62
C ALA B 35 -26.03 -16.91 -12.94
N VAL B 36 -25.06 -17.45 -13.66
CA VAL B 36 -24.17 -18.50 -13.11
C VAL B 36 -22.76 -17.94 -13.13
N LYS B 37 -22.18 -17.73 -11.95
CA LYS B 37 -20.76 -17.35 -11.85
C LYS B 37 -19.93 -18.59 -11.61
N ILE B 38 -18.96 -18.82 -12.50
CA ILE B 38 -18.07 -20.00 -12.45
C ILE B 38 -16.73 -19.45 -12.06
N PHE B 39 -16.24 -19.81 -10.86
CA PHE B 39 -15.01 -19.17 -10.31
C PHE B 39 -13.78 -19.89 -10.84
N SER B 40 -12.72 -19.14 -11.13
CA SER B 40 -11.36 -19.72 -11.29
C SER B 40 -10.88 -20.29 -9.94
N SER B 41 -10.04 -21.32 -9.93
CA SER B 41 -9.41 -21.83 -8.68
C SER B 41 -8.57 -20.69 -8.07
N ARG B 42 -8.10 -19.74 -8.89
CA ARG B 42 -7.34 -18.58 -8.39
C ARG B 42 -8.21 -17.76 -7.40
N ASP B 43 -9.54 -17.82 -7.51
CA ASP B 43 -10.46 -16.97 -6.69
C ASP B 43 -11.37 -17.84 -5.82
N GLU B 44 -10.92 -19.04 -5.49
CA GLU B 44 -11.76 -20.00 -4.72
C GLU B 44 -12.17 -19.36 -3.36
N LYS B 45 -11.36 -18.52 -2.75
CA LYS B 45 -11.69 -17.92 -1.44
C LYS B 45 -12.85 -16.93 -1.57
N SER B 46 -13.02 -16.26 -2.71
CA SER B 46 -14.21 -15.42 -2.93
C SER B 46 -15.47 -16.29 -3.00
N TRP B 47 -15.42 -17.43 -3.68
CA TRP B 47 -16.60 -18.32 -3.77
C TRP B 47 -17.06 -18.67 -2.34
N PHE B 48 -16.13 -19.07 -1.50
CA PHE B 48 -16.49 -19.54 -0.15
C PHE B 48 -17.01 -18.37 0.69
N ARG B 49 -16.40 -17.20 0.55
CA ARG B 49 -16.84 -16.02 1.31
C ARG B 49 -18.24 -15.62 0.89
N GLU B 50 -18.52 -15.58 -0.41
CA GLU B 50 -19.86 -15.23 -0.91
C GLU B 50 -20.87 -16.23 -0.38
N THR B 51 -20.49 -17.51 -0.29
CA THR B 51 -21.38 -18.58 0.24
C THR B 51 -21.68 -18.33 1.72
N GLU B 52 -20.66 -18.02 2.51
CA GLU B 52 -20.85 -17.66 3.94
C GLU B 52 -21.80 -16.46 4.04
N LEU B 53 -21.63 -15.41 3.21
CA LEU B 53 -22.47 -14.19 3.33
C LEU B 53 -23.91 -14.51 2.96
N TYR B 54 -24.14 -15.33 1.91
CA TYR B 54 -25.53 -15.58 1.45
C TYR B 54 -26.22 -16.59 2.35
N ASN B 55 -25.50 -17.25 3.23
CA ASN B 55 -26.14 -18.11 4.27
C ASN B 55 -27.03 -17.27 5.21
N THR B 56 -26.85 -15.96 5.29
CA THR B 56 -27.70 -15.03 6.10
C THR B 56 -29.08 -14.80 5.44
N VAL B 57 -30.16 -15.46 5.91
CA VAL B 57 -31.50 -15.30 5.27
C VAL B 57 -31.86 -13.80 5.25
N MET B 58 -31.61 -13.05 6.33
CA MET B 58 -31.97 -11.59 6.38
C MET B 58 -31.03 -10.67 5.58
N LEU B 59 -30.00 -11.19 4.92
CA LEU B 59 -29.31 -10.38 3.87
C LEU B 59 -30.30 -9.99 2.75
N ARG B 60 -31.29 -10.84 2.42
CA ARG B 60 -32.23 -10.67 1.29
C ARG B 60 -32.80 -9.24 1.30
N HIS B 61 -32.75 -8.55 0.15
CA HIS B 61 -33.14 -7.13 0.09
C HIS B 61 -33.26 -6.75 -1.38
N GLU B 62 -34.17 -5.82 -1.66
CA GLU B 62 -34.43 -5.39 -3.05
C GLU B 62 -33.15 -4.84 -3.71
N ASN B 63 -32.20 -4.31 -2.93
CA ASN B 63 -31.01 -3.65 -3.52
C ASN B 63 -29.78 -4.50 -3.27
N ILE B 64 -29.93 -5.81 -3.00
CA ILE B 64 -28.81 -6.78 -2.92
C ILE B 64 -29.12 -7.88 -3.94
N LEU B 65 -28.15 -8.26 -4.74
CA LEU B 65 -28.35 -9.30 -5.77
C LEU B 65 -28.89 -10.58 -5.11
N GLY B 66 -30.01 -11.10 -5.63
CA GLY B 66 -30.73 -12.24 -5.06
C GLY B 66 -30.03 -13.58 -5.27
N PHE B 67 -29.87 -14.33 -4.19
CA PHE B 67 -29.17 -15.62 -4.16
C PHE B 67 -30.16 -16.74 -4.54
N ILE B 68 -29.70 -17.67 -5.34
CA ILE B 68 -30.43 -18.95 -5.60
C ILE B 68 -29.67 -20.14 -5.01
N ALA B 69 -28.39 -20.35 -5.35
CA ALA B 69 -27.64 -21.55 -4.91
C ALA B 69 -26.15 -21.32 -5.04
N SER B 70 -25.38 -22.14 -4.33
CA SER B 70 -23.91 -22.17 -4.43
C SER B 70 -23.51 -23.63 -4.32
N ASP B 71 -22.58 -24.06 -5.17
N ASP B 71 -22.60 -24.07 -5.16
CA ASP B 71 -22.17 -25.48 -5.21
CA ASP B 71 -22.15 -25.47 -5.04
C ASP B 71 -20.68 -25.57 -5.48
C ASP B 71 -20.72 -25.61 -5.48
N MET B 72 -20.04 -26.53 -4.80
CA MET B 72 -18.69 -27.04 -5.14
C MET B 72 -18.86 -28.49 -5.61
N THR B 73 -18.38 -28.83 -6.81
CA THR B 73 -18.51 -30.20 -7.36
C THR B 73 -17.12 -30.63 -7.74
N SER B 74 -16.76 -31.87 -7.46
CA SER B 74 -15.38 -32.33 -7.77
C SER B 74 -15.37 -33.80 -8.14
N ARG B 75 -14.48 -34.12 -9.07
CA ARG B 75 -14.10 -35.51 -9.41
C ARG B 75 -12.61 -35.49 -9.66
N HIS B 76 -11.89 -36.45 -9.07
CA HIS B 76 -10.42 -36.51 -9.19
C HIS B 76 -9.87 -35.17 -8.72
N SER B 77 -8.99 -34.51 -9.48
CA SER B 77 -8.34 -33.28 -8.99
C SER B 77 -9.04 -32.05 -9.56
N SER B 78 -10.20 -32.17 -10.18
CA SER B 78 -10.91 -31.04 -10.84
C SER B 78 -12.04 -30.56 -9.92
N THR B 79 -12.12 -29.27 -9.61
CA THR B 79 -13.20 -28.70 -8.76
C THR B 79 -13.93 -27.61 -9.55
N GLN B 80 -15.25 -27.64 -9.56
CA GLN B 80 -16.11 -26.60 -10.19
C GLN B 80 -16.77 -25.84 -9.03
N LEU B 81 -16.70 -24.50 -9.07
CA LEU B 81 -17.30 -23.62 -8.05
C LEU B 81 -18.33 -22.74 -8.72
N TRP B 82 -19.62 -22.91 -8.42
CA TRP B 82 -20.73 -22.15 -9.04
C TRP B 82 -21.44 -21.31 -7.98
N LEU B 83 -21.75 -20.06 -8.33
CA LEU B 83 -22.71 -19.24 -7.58
C LEU B 83 -23.86 -18.90 -8.54
N ILE B 84 -25.09 -19.20 -8.17
CA ILE B 84 -26.27 -18.94 -9.03
C ILE B 84 -27.14 -17.87 -8.39
N THR B 85 -27.41 -16.79 -9.12
CA THR B 85 -28.19 -15.64 -8.64
C THR B 85 -29.30 -15.29 -9.62
N HIS B 86 -30.09 -14.33 -9.22
CA HIS B 86 -30.99 -13.62 -10.16
C HIS B 86 -30.17 -13.13 -11.34
N TYR B 87 -30.85 -13.00 -12.49
CA TYR B 87 -30.23 -12.47 -13.72
C TYR B 87 -30.89 -11.14 -14.05
N HIS B 88 -30.12 -10.08 -14.19
CA HIS B 88 -30.60 -8.72 -14.52
C HIS B 88 -30.19 -8.42 -15.96
N GLU B 89 -31.16 -8.47 -16.91
CA GLU B 89 -30.80 -8.45 -18.36
C GLU B 89 -30.23 -7.09 -18.77
N MET B 90 -30.48 -6.02 -18.03
CA MET B 90 -29.90 -4.69 -18.34
C MET B 90 -28.42 -4.64 -17.92
N GLY B 91 -27.93 -5.66 -17.22
CA GLY B 91 -26.50 -5.73 -16.89
C GLY B 91 -26.11 -4.75 -15.77
N SER B 92 -24.83 -4.40 -15.70
CA SER B 92 -24.30 -3.56 -14.61
C SER B 92 -24.52 -2.08 -14.88
N LEU B 93 -24.44 -1.31 -13.80
CA LEU B 93 -24.53 0.16 -13.90
C LEU B 93 -23.44 0.67 -14.83
N TYR B 94 -22.24 0.09 -14.80
CA TYR B 94 -21.12 0.44 -15.70
C TYR B 94 -21.61 0.29 -17.14
N ASP B 95 -22.28 -0.81 -17.46
CA ASP B 95 -22.77 -1.05 -18.85
C ASP B 95 -23.83 0.00 -19.19
N TYR B 96 -24.79 0.21 -18.32
CA TYR B 96 -25.94 1.11 -18.55
C TYR B 96 -25.46 2.54 -18.81
N LEU B 97 -24.50 3.04 -18.01
CA LEU B 97 -24.07 4.44 -18.14
C LEU B 97 -23.28 4.68 -19.43
N GLN B 98 -22.80 3.64 -20.11
N GLN B 98 -22.74 3.65 -20.08
CA GLN B 98 -21.89 3.85 -21.27
CA GLN B 98 -21.86 3.86 -21.26
C GLN B 98 -22.62 4.61 -22.35
C GLN B 98 -22.62 4.61 -22.35
N LEU B 99 -23.88 4.24 -22.54
CA LEU B 99 -24.68 4.53 -23.75
C LEU B 99 -25.94 5.34 -23.41
N THR B 100 -26.39 5.39 -22.15
CA THR B 100 -27.67 6.01 -21.72
CA THR B 100 -27.65 6.13 -21.86
C THR B 100 -27.36 7.27 -20.90
N THR B 101 -28.11 8.33 -21.09
CA THR B 101 -28.10 9.52 -20.21
C THR B 101 -29.31 9.44 -19.27
N LEU B 102 -29.27 10.24 -18.22
CA LEU B 102 -30.28 10.20 -17.13
C LEU B 102 -31.00 11.52 -17.00
N ASP B 103 -32.26 11.49 -16.63
CA ASP B 103 -32.91 12.70 -16.10
C ASP B 103 -32.78 12.72 -14.57
N THR B 104 -33.28 13.77 -13.96
CA THR B 104 -33.15 14.00 -12.52
C THR B 104 -33.75 12.82 -11.78
N VAL B 105 -34.98 12.47 -12.12
CA VAL B 105 -35.70 11.39 -11.41
C VAL B 105 -34.91 10.08 -11.53
N SER B 106 -34.41 9.72 -12.71
N SER B 106 -34.43 9.72 -12.73
CA SER B 106 -33.71 8.42 -12.93
CA SER B 106 -33.71 8.43 -12.99
C SER B 106 -32.36 8.46 -12.18
C SER B 106 -32.37 8.44 -12.24
N CYS B 107 -31.68 9.58 -12.21
CA CYS B 107 -30.39 9.72 -11.48
C CYS B 107 -30.63 9.51 -9.99
N LEU B 108 -31.58 10.22 -9.40
CA LEU B 108 -31.86 10.06 -7.95
C LEU B 108 -32.34 8.64 -7.60
N ARG B 109 -33.15 8.02 -8.46
N ARG B 109 -33.15 8.01 -8.45
CA ARG B 109 -33.64 6.64 -8.23
CA ARG B 109 -33.65 6.64 -8.21
C ARG B 109 -32.46 5.68 -8.15
C ARG B 109 -32.46 5.67 -8.16
N ILE B 110 -31.52 5.82 -9.08
CA ILE B 110 -30.33 4.95 -9.10
C ILE B 110 -29.54 5.17 -7.81
N VAL B 111 -29.17 6.40 -7.51
CA VAL B 111 -28.19 6.60 -6.40
C VAL B 111 -28.87 6.33 -5.05
N LEU B 112 -30.17 6.62 -4.89
CA LEU B 112 -30.85 6.27 -3.65
C LEU B 112 -30.92 4.76 -3.51
N SER B 113 -31.10 3.99 -4.58
CA SER B 113 -31.26 2.53 -4.45
C SER B 113 -29.90 1.96 -3.99
N ILE B 114 -28.81 2.50 -4.51
CA ILE B 114 -27.45 2.05 -4.10
C ILE B 114 -27.23 2.40 -2.63
N ALA B 115 -27.57 3.63 -2.22
CA ALA B 115 -27.43 4.03 -0.81
C ALA B 115 -28.27 3.13 0.08
N SER B 116 -29.46 2.76 -0.37
N SER B 116 -29.46 2.76 -0.39
CA SER B 116 -30.36 1.87 0.41
CA SER B 116 -30.39 1.88 0.35
C SER B 116 -29.71 0.49 0.59
C SER B 116 -29.76 0.49 0.56
N GLY B 117 -29.17 -0.09 -0.49
CA GLY B 117 -28.47 -1.37 -0.37
C GLY B 117 -27.27 -1.27 0.56
N LEU B 118 -26.55 -0.18 0.46
CA LEU B 118 -25.29 -0.06 1.26
C LEU B 118 -25.65 0.12 2.73
N ALA B 119 -26.63 0.97 3.04
CA ALA B 119 -27.09 1.16 4.43
C ALA B 119 -27.60 -0.18 4.97
N HIS B 120 -28.31 -0.95 4.15
CA HIS B 120 -28.78 -2.29 4.55
C HIS B 120 -27.59 -3.18 4.90
N LEU B 121 -26.56 -3.19 4.03
CA LEU B 121 -25.34 -3.96 4.38
C LEU B 121 -24.75 -3.48 5.71
N HIS B 122 -24.50 -2.18 5.86
CA HIS B 122 -23.73 -1.62 6.99
C HIS B 122 -24.43 -1.79 8.33
N ILE B 123 -25.77 -1.87 8.36
CA ILE B 123 -26.50 -1.82 9.67
C ILE B 123 -26.79 -3.25 10.13
N GLU B 124 -26.42 -3.55 11.38
CA GLU B 124 -26.70 -4.84 12.05
C GLU B 124 -28.21 -4.90 12.37
N ILE B 125 -28.83 -6.02 12.13
CA ILE B 125 -30.18 -6.32 12.68
C ILE B 125 -30.04 -7.44 13.73
N PHE B 126 -30.52 -7.16 14.94
CA PHE B 126 -30.57 -8.09 16.09
C PHE B 126 -31.68 -9.14 15.83
N GLY B 127 -31.48 -10.41 16.17
CA GLY B 127 -32.64 -11.31 16.41
C GLY B 127 -32.72 -12.56 15.54
N GLY B 130 -31.20 -12.70 12.30
CA GLY B 130 -30.95 -11.30 11.89
C GLY B 130 -29.85 -11.22 10.84
N LYS B 131 -29.02 -10.18 10.91
CA LYS B 131 -27.87 -10.06 9.99
C LYS B 131 -26.79 -9.28 10.72
N PRO B 132 -25.53 -9.73 10.59
CA PRO B 132 -24.42 -8.94 11.10
C PRO B 132 -24.32 -7.66 10.28
N ALA B 133 -23.61 -6.67 10.80
CA ALA B 133 -23.15 -5.51 10.00
C ALA B 133 -22.17 -6.08 8.94
N ILE B 134 -22.22 -5.53 7.72
CA ILE B 134 -21.39 -6.05 6.59
C ILE B 134 -20.76 -4.85 5.91
N ALA B 135 -19.46 -4.89 5.68
CA ALA B 135 -18.77 -3.95 4.75
C ALA B 135 -18.39 -4.72 3.49
N HIS B 136 -18.61 -4.10 2.34
CA HIS B 136 -18.51 -4.76 1.01
C HIS B 136 -17.04 -4.95 0.57
N ARG B 137 -16.30 -3.85 0.56
CA ARG B 137 -14.84 -3.70 0.26
C ARG B 137 -14.53 -3.72 -1.24
N ASP B 138 -15.50 -3.89 -2.14
CA ASP B 138 -15.19 -3.78 -3.59
C ASP B 138 -16.36 -3.10 -4.32
N LEU B 139 -16.89 -2.03 -3.75
CA LEU B 139 -18.05 -1.36 -4.37
C LEU B 139 -17.53 -0.65 -5.61
N LYS B 140 -18.24 -0.79 -6.72
CA LYS B 140 -17.90 -0.10 -7.99
C LYS B 140 -19.08 -0.29 -8.95
N SER B 141 -19.07 0.43 -10.08
CA SER B 141 -20.23 0.40 -11.00
C SER B 141 -20.36 -0.98 -11.68
N LYS B 142 -19.31 -1.78 -11.82
CA LYS B 142 -19.47 -3.14 -12.41
C LYS B 142 -20.08 -4.11 -11.38
N ASN B 143 -20.11 -3.75 -10.10
CA ASN B 143 -20.66 -4.61 -9.04
C ASN B 143 -22.03 -4.11 -8.61
N ILE B 144 -22.67 -3.30 -9.44
CA ILE B 144 -24.06 -2.85 -9.26
C ILE B 144 -24.84 -3.24 -10.50
N LEU B 145 -25.98 -3.92 -10.32
CA LEU B 145 -26.82 -4.36 -11.46
C LEU B 145 -28.04 -3.46 -11.54
N VAL B 146 -28.46 -3.17 -12.78
CA VAL B 146 -29.67 -2.35 -13.05
C VAL B 146 -30.86 -3.28 -13.25
N LYS B 147 -31.93 -3.03 -12.51
CA LYS B 147 -33.15 -3.86 -12.57
C LYS B 147 -34.18 -3.13 -13.45
N LYS B 148 -35.13 -3.86 -13.97
CA LYS B 148 -36.18 -3.26 -14.86
C LYS B 148 -37.01 -2.17 -14.15
N ASN B 149 -37.06 -2.09 -12.82
CA ASN B 149 -37.81 -1.00 -12.11
C ASN B 149 -36.97 0.26 -11.97
N GLY B 150 -35.74 0.29 -12.43
CA GLY B 150 -34.94 1.52 -12.43
C GLY B 150 -34.18 1.68 -11.13
N GLN B 151 -34.41 0.76 -10.23
CA GLN B 151 -33.49 0.62 -9.05
C GLN B 151 -32.36 -0.37 -9.34
N CYS B 152 -31.33 -0.28 -8.51
CA CYS B 152 -30.13 -1.08 -8.69
C CYS B 152 -30.00 -2.07 -7.53
N CYS B 153 -29.12 -3.04 -7.72
CA CYS B 153 -28.75 -3.95 -6.62
C CYS B 153 -27.26 -4.20 -6.60
N ILE B 154 -26.74 -4.34 -5.37
CA ILE B 154 -25.30 -4.55 -5.13
C ILE B 154 -24.97 -6.04 -5.16
N ALA B 155 -23.89 -6.36 -5.84
CA ALA B 155 -23.40 -7.71 -6.10
C ALA B 155 -21.95 -7.87 -5.62
N ASP B 156 -21.55 -9.11 -5.44
CA ASP B 156 -20.18 -9.60 -5.19
C ASP B 156 -19.78 -9.31 -3.75
N LEU B 157 -20.12 -10.27 -2.88
CA LEU B 157 -19.77 -10.19 -1.46
C LEU B 157 -18.55 -11.04 -1.14
N GLY B 158 -17.72 -11.35 -2.13
CA GLY B 158 -16.52 -12.18 -1.92
C GLY B 158 -15.41 -11.55 -1.09
N LEU B 159 -15.43 -10.24 -0.82
CA LEU B 159 -14.42 -9.57 0.03
C LEU B 159 -15.08 -9.06 1.32
N ALA B 160 -16.36 -9.39 1.55
CA ALA B 160 -17.10 -8.75 2.66
C ALA B 160 -16.51 -9.08 4.03
N VAL B 161 -16.62 -8.09 4.92
CA VAL B 161 -16.24 -8.22 6.36
C VAL B 161 -17.53 -8.14 7.18
N MET B 162 -17.66 -9.02 8.19
CA MET B 162 -18.87 -9.05 9.04
C MET B 162 -18.51 -8.62 10.45
N HIS B 163 -19.44 -7.97 11.13
CA HIS B 163 -19.22 -7.52 12.52
C HIS B 163 -20.52 -7.69 13.31
N SER B 164 -20.38 -8.12 14.56
CA SER B 164 -21.55 -8.04 15.48
C SER B 164 -21.20 -7.21 16.74
N GLN B 165 -21.91 -6.13 17.04
CA GLN B 165 -21.60 -5.39 18.29
C GLN B 165 -22.13 -6.20 19.49
N SER B 166 -23.07 -7.12 19.31
CA SER B 166 -23.69 -7.91 20.41
C SER B 166 -22.66 -8.87 21.02
N THR B 167 -21.72 -9.38 20.21
CA THR B 167 -20.66 -10.31 20.67
C THR B 167 -19.29 -9.70 20.52
N ASN B 168 -19.17 -8.48 20.00
CA ASN B 168 -17.86 -7.84 19.80
C ASN B 168 -16.99 -8.76 18.94
N GLN B 169 -17.57 -9.32 17.88
CA GLN B 169 -16.80 -10.20 16.97
C GLN B 169 -16.65 -9.51 15.60
N LEU B 170 -15.44 -9.50 15.08
CA LEU B 170 -15.15 -9.05 13.70
C LEU B 170 -14.69 -10.27 12.91
N ASP B 171 -15.28 -10.50 11.75
CA ASP B 171 -14.91 -11.63 10.88
C ASP B 171 -14.42 -11.06 9.55
N VAL B 172 -13.11 -11.04 9.34
CA VAL B 172 -12.51 -10.44 8.12
C VAL B 172 -12.30 -11.52 7.08
N GLY B 173 -12.64 -12.77 7.38
CA GLY B 173 -12.48 -13.83 6.38
C GLY B 173 -11.02 -14.06 6.08
N ASN B 174 -10.79 -14.83 5.03
CA ASN B 174 -9.48 -15.35 4.60
C ASN B 174 -9.47 -15.20 3.10
N ASN B 175 -9.07 -14.05 2.60
CA ASN B 175 -9.08 -13.83 1.15
C ASN B 175 -7.98 -12.82 0.85
N PRO B 176 -6.96 -13.23 0.08
CA PRO B 176 -5.84 -12.37 -0.27
C PRO B 176 -6.21 -11.36 -1.39
N ARG B 177 -7.37 -11.56 -2.01
CA ARG B 177 -7.96 -10.58 -2.96
C ARG B 177 -7.98 -9.22 -2.28
N VAL B 178 -7.74 -8.17 -3.08
CA VAL B 178 -7.93 -6.78 -2.60
C VAL B 178 -8.92 -6.08 -3.54
N GLY B 179 -9.39 -4.92 -3.10
CA GLY B 179 -10.39 -4.16 -3.88
C GLY B 179 -9.88 -3.72 -5.23
N THR B 180 -10.79 -3.36 -6.10
CA THR B 180 -10.48 -2.80 -7.42
C THR B 180 -9.64 -1.54 -7.25
N LYS B 181 -8.49 -1.47 -7.93
CA LYS B 181 -7.47 -0.43 -7.58
C LYS B 181 -8.01 0.99 -7.78
N ARG B 182 -8.76 1.20 -8.85
CA ARG B 182 -9.31 2.53 -9.21
C ARG B 182 -10.21 3.08 -8.11
N TYR B 183 -10.81 2.22 -7.29
CA TYR B 183 -11.81 2.66 -6.28
C TYR B 183 -11.25 2.63 -4.84
N MET B 184 -9.98 2.27 -4.67
CA MET B 184 -9.41 2.13 -3.32
C MET B 184 -9.29 3.50 -2.64
N ALA B 185 -9.74 3.59 -1.38
CA ALA B 185 -9.59 4.79 -0.53
C ALA B 185 -8.11 5.08 -0.26
N PRO B 186 -7.81 6.31 0.12
CA PRO B 186 -6.43 6.69 0.43
C PRO B 186 -5.78 5.76 1.46
N GLU B 187 -6.52 5.38 2.50
CA GLU B 187 -5.95 4.56 3.61
C GLU B 187 -5.72 3.12 3.13
N VAL B 188 -6.41 2.67 2.09
CA VAL B 188 -6.15 1.36 1.46
C VAL B 188 -4.86 1.48 0.63
N LEU B 189 -4.78 2.51 -0.17
CA LEU B 189 -3.63 2.71 -1.09
C LEU B 189 -2.33 2.97 -0.33
N ASP B 190 -2.38 3.63 0.80
CA ASP B 190 -1.18 3.90 1.63
C ASP B 190 -1.01 2.82 2.71
N GLU B 191 -1.96 1.88 2.78
CA GLU B 191 -1.86 0.68 3.66
C GLU B 191 -1.75 1.11 5.12
N THR B 192 -2.32 2.22 5.49
CA THR B 192 -2.39 2.66 6.90
C THR B 192 -3.76 2.29 7.51
N ILE B 193 -4.68 1.75 6.73
CA ILE B 193 -6.02 1.36 7.25
C ILE B 193 -5.87 0.47 8.48
N GLN B 194 -6.69 0.75 9.50
CA GLN B 194 -6.69 -0.05 10.76
C GLN B 194 -7.45 -1.36 10.50
N VAL B 195 -6.74 -2.48 10.32
CA VAL B 195 -7.33 -3.74 9.79
C VAL B 195 -8.31 -4.41 10.78
N ASP B 196 -8.26 -4.08 12.06
CA ASP B 196 -9.13 -4.80 13.05
C ASP B 196 -10.21 -3.85 13.51
N CYS B 197 -10.54 -2.85 12.70
CA CYS B 197 -11.55 -1.85 13.06
C CYS B 197 -12.69 -1.94 12.04
N PHE B 198 -13.88 -2.38 12.44
CA PHE B 198 -15.00 -2.52 11.46
C PHE B 198 -15.35 -1.17 10.85
N ASP B 199 -15.34 -0.08 11.61
CA ASP B 199 -15.69 1.24 11.06
C ASP B 199 -14.75 1.57 9.90
N SER B 200 -13.49 1.16 9.94
CA SER B 200 -12.53 1.40 8.84
C SER B 200 -13.09 0.85 7.53
N TYR B 201 -13.64 -0.35 7.56
CA TYR B 201 -14.15 -0.98 6.33
C TYR B 201 -15.39 -0.24 5.82
N LYS B 202 -16.28 0.19 6.71
CA LYS B 202 -17.48 0.92 6.24
C LYS B 202 -16.98 2.20 5.51
N ARG B 203 -15.94 2.87 6.03
CA ARG B 203 -15.48 4.14 5.50
C ARG B 203 -14.83 3.94 4.12
N VAL B 204 -14.26 2.77 3.87
CA VAL B 204 -13.73 2.42 2.53
C VAL B 204 -14.90 2.29 1.53
N ASP B 205 -16.00 1.68 1.95
CA ASP B 205 -17.23 1.60 1.11
C ASP B 205 -17.74 3.00 0.81
N ILE B 206 -17.71 3.91 1.78
CA ILE B 206 -18.26 5.26 1.54
C ILE B 206 -17.42 6.02 0.51
N TRP B 207 -16.10 5.91 0.59
CA TRP B 207 -15.23 6.49 -0.45
C TRP B 207 -15.64 5.98 -1.85
N ALA B 208 -15.79 4.67 -2.00
CA ALA B 208 -16.10 4.04 -3.30
C ALA B 208 -17.52 4.45 -3.73
N PHE B 209 -18.45 4.57 -2.80
CA PHE B 209 -19.81 5.04 -3.14
CA PHE B 209 -19.82 5.06 -3.12
C PHE B 209 -19.71 6.46 -3.72
N GLY B 210 -18.91 7.32 -3.11
CA GLY B 210 -18.76 8.66 -3.69
C GLY B 210 -18.30 8.62 -5.12
N LEU B 211 -17.36 7.76 -5.45
CA LEU B 211 -16.87 7.60 -6.84
C LEU B 211 -18.01 7.13 -7.76
N VAL B 212 -18.79 6.16 -7.31
CA VAL B 212 -19.97 5.69 -8.07
C VAL B 212 -20.94 6.85 -8.28
N LEU B 213 -21.21 7.66 -7.23
N LEU B 213 -21.18 7.65 -7.24
CA LEU B 213 -22.11 8.84 -7.35
CA LEU B 213 -22.10 8.79 -7.36
C LEU B 213 -21.58 9.72 -8.49
C LEU B 213 -21.60 9.77 -8.42
N TRP B 214 -20.29 10.01 -8.47
CA TRP B 214 -19.66 10.84 -9.52
C TRP B 214 -19.89 10.24 -10.92
N GLU B 215 -19.76 8.94 -11.07
CA GLU B 215 -19.85 8.29 -12.40
C GLU B 215 -21.26 8.49 -12.93
N VAL B 216 -22.24 8.34 -12.02
CA VAL B 216 -23.69 8.46 -12.35
C VAL B 216 -24.00 9.91 -12.68
N ALA B 217 -23.66 10.83 -11.79
CA ALA B 217 -24.03 12.26 -11.95
C ALA B 217 -23.54 12.78 -13.29
N ARG B 218 -22.36 12.40 -13.74
CA ARG B 218 -21.79 12.83 -15.04
C ARG B 218 -22.81 12.57 -16.15
N ARG B 219 -23.60 11.51 -16.04
CA ARG B 219 -24.54 11.08 -17.08
C ARG B 219 -25.94 11.67 -16.89
N MET B 220 -26.14 12.53 -15.90
CA MET B 220 -27.44 13.22 -15.74
C MET B 220 -27.39 14.51 -16.55
N VAL B 221 -28.36 14.69 -17.44
CA VAL B 221 -28.39 15.88 -18.30
C VAL B 221 -28.81 17.09 -17.45
N SER B 222 -28.19 18.23 -17.68
CA SER B 222 -28.72 19.52 -17.19
C SER B 222 -28.47 20.59 -18.26
N ASN B 223 -29.49 21.43 -18.54
CA ASN B 223 -29.29 22.56 -19.47
C ASN B 223 -28.74 22.08 -20.81
N GLY B 224 -29.15 20.89 -21.25
CA GLY B 224 -28.76 20.32 -22.53
C GLY B 224 -27.30 19.85 -22.58
N ILE B 225 -26.64 19.68 -21.42
CA ILE B 225 -25.21 19.28 -21.35
C ILE B 225 -25.14 17.96 -20.56
N VAL B 226 -24.28 17.08 -20.99
CA VAL B 226 -23.93 15.86 -20.20
C VAL B 226 -22.44 15.56 -20.42
N GLU B 227 -21.82 14.85 -19.49
CA GLU B 227 -20.43 14.40 -19.69
C GLU B 227 -20.50 12.98 -20.28
N ASP B 228 -19.49 12.61 -21.06
CA ASP B 228 -19.31 11.21 -21.52
C ASP B 228 -19.02 10.35 -20.28
N TYR B 229 -19.40 9.10 -20.34
CA TYR B 229 -19.01 8.12 -19.30
C TYR B 229 -17.49 8.12 -19.20
N LYS B 230 -16.98 8.26 -17.99
CA LYS B 230 -15.55 7.94 -17.68
C LYS B 230 -15.49 7.26 -16.31
N PRO B 231 -14.54 6.33 -16.13
CA PRO B 231 -14.29 5.73 -14.82
C PRO B 231 -13.52 6.72 -13.95
N PRO B 232 -13.57 6.55 -12.61
CA PRO B 232 -12.85 7.44 -11.70
C PRO B 232 -11.35 7.49 -12.03
N PHE B 233 -10.82 8.71 -12.02
CA PHE B 233 -9.40 9.03 -12.24
C PHE B 233 -8.94 8.71 -13.68
N TYR B 234 -9.86 8.64 -14.64
CA TYR B 234 -9.57 8.29 -16.05
C TYR B 234 -8.45 9.20 -16.60
N ASP B 235 -8.39 10.46 -16.15
CA ASP B 235 -7.55 11.50 -16.79
C ASP B 235 -6.15 11.55 -16.19
N VAL B 236 -5.89 10.92 -15.03
CA VAL B 236 -4.66 11.21 -14.25
C VAL B 236 -3.80 9.96 -14.09
N VAL B 237 -4.28 8.76 -14.43
CA VAL B 237 -3.47 7.53 -14.34
C VAL B 237 -3.34 6.86 -15.69
N PRO B 238 -2.29 6.03 -15.85
CA PRO B 238 -2.14 5.20 -17.03
C PRO B 238 -3.37 4.30 -17.22
N ASN B 239 -3.61 3.86 -18.45
CA ASN B 239 -4.59 2.76 -18.66
C ASN B 239 -4.14 1.56 -17.81
N ASP B 240 -5.09 0.80 -17.31
CA ASP B 240 -4.82 -0.42 -16.54
C ASP B 240 -3.91 -0.03 -15.37
N PRO B 241 -4.31 0.96 -14.56
CA PRO B 241 -3.42 1.51 -13.53
C PRO B 241 -3.00 0.47 -12.49
N SER B 242 -1.75 0.58 -12.07
CA SER B 242 -1.21 -0.20 -10.92
C SER B 242 -1.69 0.36 -9.58
N PHE B 243 -1.45 -0.42 -8.53
CA PHE B 243 -1.69 0.02 -7.15
C PHE B 243 -0.89 1.30 -6.91
N GLU B 244 0.39 1.30 -7.30
CA GLU B 244 1.25 2.47 -7.08
C GLU B 244 0.77 3.66 -7.92
N ASP B 245 0.27 3.42 -9.14
CA ASP B 245 -0.30 4.51 -9.99
C ASP B 245 -1.44 5.20 -9.23
N MET B 246 -2.30 4.41 -8.61
CA MET B 246 -3.45 4.97 -7.86
C MET B 246 -2.98 5.68 -6.60
N ARG B 247 -2.02 5.08 -5.89
CA ARG B 247 -1.47 5.71 -4.68
C ARG B 247 -0.90 7.10 -5.02
N LYS B 248 -0.20 7.17 -6.14
CA LYS B 248 0.37 8.47 -6.55
C LYS B 248 -0.73 9.54 -6.61
N VAL B 249 -1.78 9.29 -7.37
CA VAL B 249 -2.78 10.34 -7.60
C VAL B 249 -3.61 10.59 -6.33
N VAL B 250 -4.01 9.54 -5.63
CA VAL B 250 -4.95 9.71 -4.49
C VAL B 250 -4.17 10.16 -3.26
N CYS B 251 -3.02 9.57 -2.97
CA CYS B 251 -2.29 9.84 -1.73
C CYS B 251 -1.23 10.94 -1.87
N VAL B 252 -0.38 10.88 -2.89
CA VAL B 252 0.71 11.86 -3.06
C VAL B 252 0.14 13.15 -3.61
N ASP B 253 -0.65 13.08 -4.68
CA ASP B 253 -1.14 14.28 -5.40
C ASP B 253 -2.45 14.82 -4.79
N GLN B 254 -3.08 14.06 -3.88
CA GLN B 254 -4.36 14.42 -3.18
C GLN B 254 -5.46 14.70 -4.20
N GLN B 255 -5.46 13.99 -5.32
CA GLN B 255 -6.46 14.19 -6.40
C GLN B 255 -7.83 13.65 -5.94
N ARG B 256 -8.89 14.29 -6.39
CA ARG B 256 -10.27 13.79 -6.31
C ARG B 256 -10.90 14.04 -7.68
N PRO B 257 -11.95 13.28 -8.04
CA PRO B 257 -12.62 13.55 -9.30
C PRO B 257 -13.08 15.00 -9.40
N ASN B 258 -12.87 15.59 -10.57
CA ASN B 258 -13.22 17.00 -10.81
C ASN B 258 -14.75 17.11 -10.93
N ILE B 259 -15.27 18.21 -10.43
CA ILE B 259 -16.71 18.54 -10.52
C ILE B 259 -16.85 19.42 -11.74
N PRO B 260 -17.53 18.99 -12.81
CA PRO B 260 -17.77 19.87 -13.97
C PRO B 260 -18.50 21.14 -13.51
N ASN B 261 -18.04 22.32 -13.98
CA ASN B 261 -18.69 23.58 -13.53
C ASN B 261 -20.17 23.66 -13.96
N ARG B 262 -20.61 22.92 -14.98
CA ARG B 262 -22.03 22.97 -15.46
C ARG B 262 -22.91 22.39 -14.35
N TRP B 263 -22.39 21.57 -13.45
CA TRP B 263 -23.26 21.01 -12.39
C TRP B 263 -23.81 22.13 -11.46
N PHE B 264 -23.08 23.23 -11.30
CA PHE B 264 -23.40 24.26 -10.31
C PHE B 264 -24.59 25.11 -10.81
N SER B 265 -25.03 24.94 -12.06
CA SER B 265 -26.28 25.56 -12.59
C SER B 265 -27.52 24.78 -12.14
N ASP B 266 -27.35 23.55 -11.69
CA ASP B 266 -28.45 22.60 -11.43
C ASP B 266 -28.50 22.29 -9.95
N PRO B 267 -29.67 22.47 -9.28
CA PRO B 267 -29.77 22.21 -7.85
C PRO B 267 -29.45 20.77 -7.47
N THR B 268 -29.89 19.79 -8.27
CA THR B 268 -29.70 18.37 -7.97
C THR B 268 -28.20 18.02 -8.03
N LEU B 269 -27.56 18.42 -9.11
CA LEU B 269 -26.11 18.13 -9.28
C LEU B 269 -25.28 18.92 -8.26
N THR B 270 -25.69 20.13 -7.90
CA THR B 270 -25.00 20.89 -6.85
C THR B 270 -25.08 20.09 -5.54
N SER B 271 -26.26 19.60 -5.19
CA SER B 271 -26.42 18.78 -3.96
C SER B 271 -25.59 17.48 -4.07
N LEU B 272 -25.58 16.82 -5.22
CA LEU B 272 -24.82 15.58 -5.35
C LEU B 272 -23.31 15.83 -5.24
N ALA B 273 -22.82 16.96 -5.78
CA ALA B 273 -21.39 17.30 -5.69
C ALA B 273 -21.05 17.46 -4.18
N LYS B 274 -21.91 18.09 -3.39
CA LYS B 274 -21.68 18.28 -1.96
C LYS B 274 -21.60 16.91 -1.29
N LEU B 275 -22.52 16.03 -1.63
CA LEU B 275 -22.56 14.68 -1.06
C LEU B 275 -21.27 13.93 -1.41
N MET B 276 -20.84 13.95 -2.66
CA MET B 276 -19.68 13.12 -3.03
C MET B 276 -18.43 13.71 -2.34
N LYS B 277 -18.35 15.03 -2.16
CA LYS B 277 -17.18 15.62 -1.47
C LYS B 277 -17.14 15.14 -0.02
N GLU B 278 -18.30 14.90 0.60
CA GLU B 278 -18.34 14.44 2.02
C GLU B 278 -18.05 12.93 2.10
N CYS B 279 -17.90 12.27 0.95
CA CYS B 279 -17.46 10.85 0.89
C CYS B 279 -15.93 10.76 0.74
N TRP B 280 -15.27 11.86 0.42
CA TRP B 280 -13.89 11.86 -0.12
C TRP B 280 -12.88 12.48 0.84
N TYR B 281 -13.28 12.88 2.05
CA TYR B 281 -12.31 13.39 3.04
C TYR B 281 -11.16 12.39 3.15
N GLN B 282 -9.88 12.80 3.22
CA GLN B 282 -8.76 11.90 3.52
C GLN B 282 -8.93 11.34 4.93
N ASN B 283 -9.46 12.12 5.87
CA ASN B 283 -9.77 11.62 7.23
C ASN B 283 -11.00 10.70 7.17
N PRO B 284 -10.84 9.37 7.32
CA PRO B 284 -11.99 8.46 7.13
C PRO B 284 -13.14 8.77 8.08
N SER B 285 -12.86 9.20 9.31
CA SER B 285 -13.91 9.45 10.33
C SER B 285 -14.73 10.71 10.00
N ALA B 286 -14.28 11.55 9.07
CA ALA B 286 -15.04 12.72 8.63
C ALA B 286 -16.13 12.34 7.60
N ARG B 287 -16.01 11.17 6.97
CA ARG B 287 -16.91 10.82 5.87
C ARG B 287 -18.31 10.56 6.42
N LEU B 288 -19.32 10.86 5.61
CA LEU B 288 -20.72 10.55 5.94
C LEU B 288 -20.90 9.04 6.11
N THR B 289 -21.92 8.65 6.88
CA THR B 289 -22.38 7.27 6.96
C THR B 289 -23.35 6.95 5.83
N ALA B 290 -23.49 5.66 5.54
CA ALA B 290 -24.42 5.20 4.51
C ALA B 290 -25.84 5.61 4.90
N LEU B 291 -26.18 5.52 6.20
CA LEU B 291 -27.54 5.94 6.65
C LEU B 291 -27.74 7.44 6.37
N ARG B 292 -26.75 8.27 6.61
CA ARG B 292 -26.91 9.74 6.37
C ARG B 292 -27.01 9.99 4.88
N ILE B 293 -26.23 9.27 4.06
CA ILE B 293 -26.34 9.44 2.59
C ILE B 293 -27.76 9.06 2.16
N LYS B 294 -28.31 7.95 2.64
CA LYS B 294 -29.68 7.52 2.28
C LYS B 294 -30.70 8.59 2.66
N LYS B 295 -30.58 9.12 3.87
CA LYS B 295 -31.52 10.20 4.33
C LYS B 295 -31.37 11.42 3.45
N THR B 296 -30.14 11.85 3.15
CA THR B 296 -29.92 13.03 2.26
C THR B 296 -30.55 12.80 0.87
N LEU B 297 -30.44 11.59 0.33
CA LEU B 297 -30.98 11.32 -1.04
C LEU B 297 -32.49 11.13 -1.02
N THR B 298 -33.08 10.87 0.14
CA THR B 298 -34.53 10.72 0.31
C THR B 298 -35.16 12.11 0.23
N LYS B 299 -34.40 13.15 0.61
CA LYS B 299 -34.79 14.59 0.64
C LYS B 299 -34.47 15.32 -0.70
N ILE B 300 -33.48 14.91 -1.50
CA ILE B 300 -33.05 15.68 -2.72
C ILE B 300 -34.13 15.54 -3.80
N ASP B 301 -34.30 16.60 -4.61
CA ASP B 301 -35.38 16.85 -5.62
C ASP B 301 -36.61 15.98 -5.29
C10 LU8 C . 28.96 2.57 -4.79
C10 LU8 C . 28.95 2.58 -4.75
C13 LU8 C . 31.14 5.30 -3.18
C13 LU8 C . 31.00 5.26 -2.93
C15 LU8 C . 32.77 6.96 -4.09
C15 LU8 C . 32.52 7.09 -3.78
C17 LU8 C . 34.80 7.36 -5.70
C17 LU8 C . 34.87 7.97 -3.98
C20 LU8 C . 33.50 9.22 -4.72
C20 LU8 C . 33.43 8.82 -2.22
C21 LU8 C . 32.34 8.21 -4.85
C21 LU8 C . 32.45 7.65 -2.36
C22 LU8 C . 31.54 5.31 -5.56
C22 LU8 C . 31.34 5.52 -5.30
C24 LU8 C . 28.81 1.45 -3.98
C24 LU8 C . 28.78 1.45 -3.95
C26 LU8 C . 27.26 -0.61 -2.16
C26 LU8 C . 27.28 -0.61 -2.15
C01 LU8 C . 27.95 -4.68 -5.10
C01 LU8 C . 27.96 -4.51 -5.13
C03 LU8 C . 27.47 -3.11 -3.27
C03 LU8 C . 27.49 -3.12 -3.24
C04 LU8 C . 27.63 -1.95 -4.08
C04 LU8 C . 27.66 -1.98 -4.05
C05 LU8 C . 27.56 -0.70 -3.51
C05 LU8 C . 27.60 -0.72 -3.50
C06 LU8 C . 27.79 0.54 -4.31
C06 LU8 C . 27.82 0.52 -4.31
C07 LU8 C . 26.97 0.78 -5.41
C07 LU8 C . 27.06 0.73 -5.47
C09 LU8 C . 28.08 2.74 -5.86
C09 LU8 C . 28.13 2.72 -5.86
C11 LU8 C . 29.97 3.70 -4.60
C11 LU8 C . 29.90 3.73 -4.49
C12 LU8 C . 30.21 4.24 -3.34
C12 LU8 C . 30.14 4.16 -3.20
C14 LU8 C . 31.80 5.83 -4.29
C14 LU8 C . 31.61 5.90 -3.99
C16 LU8 C . 34.20 6.58 -4.51
C16 LU8 C . 33.95 6.74 -4.13
C19 LU8 C . 34.26 9.32 -7.04
C19 LU8 C . 35.33 7.37 -1.71
C23 LU8 C . 30.64 4.24 -5.71
C23 LU8 C . 30.49 4.43 -5.56
C25 LU8 C . 29.76 1.20 -2.83
C25 LU8 C . 29.66 1.23 -2.74
C27 LU8 C . 27.05 -1.74 -1.37
C27 LU8 C . 27.07 -1.75 -1.37
C29 LU8 C . 26.74 -0.48 0.72
C29 LU8 C . 26.76 -0.38 0.58
C30 LU8 C . 27.16 -2.99 -1.94
C30 LU8 C . 27.18 -3.01 -1.92
C32 LU8 C . 25.75 -4.78 -1.20
C32 LU8 C . 25.73 -4.75 -1.23
N08 LU8 C . 27.13 1.88 -6.18
N08 LU8 C . 27.22 1.83 -6.23
N18 LU8 C . 34.57 8.83 -5.67
N18 LU8 C . 34.81 8.42 -2.59
O02 LU8 C . 27.51 -4.39 -3.78
O02 LU8 C . 27.55 -4.38 -3.77
O28 LU8 C . 26.74 -1.72 -0.04
O28 LU8 C . 26.75 -1.68 -0.04
O31 LU8 C . 26.98 -4.09 -1.12
O31 LU8 C . 26.99 -4.10 -1.11
C1 EDO D . 17.46 0.20 -8.06
O1 EDO D . 16.64 0.83 -7.22
C2 EDO D . 18.68 0.85 -7.66
O2 EDO D . 19.77 0.26 -8.13
C1 EDO E . 22.77 13.74 22.87
O1 EDO E . 23.75 14.78 23.04
C2 EDO E . 23.20 12.52 22.14
O2 EDO E . 23.97 12.72 20.84
C1 EDO F . 23.19 -0.94 34.22
O1 EDO F . 22.45 0.11 34.84
C2 EDO F . 24.65 -0.73 34.27
O2 EDO F . 25.14 0.29 33.40
C1 EDO G . 32.54 9.63 16.86
O1 EDO G . 31.40 9.36 17.69
C2 EDO G . 33.01 11.06 16.76
O2 EDO G . 33.14 11.78 17.97
S DMS H . 18.06 -1.75 -16.17
O DMS H . 17.11 -2.78 -16.69
C1 DMS H . 17.99 -0.38 -17.29
C2 DMS H . 17.25 -0.99 -14.78
C10 LU8 I . 19.38 -11.92 -21.52
C13 LU8 I . 16.00 -13.20 -22.78
C15 LU8 I . 13.95 -14.18 -21.51
C17 LU8 I . 11.61 -14.28 -22.46
C20 LU8 I . 12.37 -16.00 -20.84
C21 LU8 I . 13.84 -15.65 -21.15
C22 LU8 I . 16.04 -13.48 -20.36
C24 LU8 I . 19.66 -10.83 -20.68
C26 LU8 I . 21.60 -9.43 -18.50
C01 LU8 I . 22.52 -5.02 -20.76
C03 LU8 I . 21.64 -6.76 -19.26
C04 LU8 I . 21.31 -7.76 -20.19
C05 LU8 I . 21.29 -9.09 -19.83
C06 LU8 I . 20.93 -10.22 -20.74
C07 LU8 I . 21.91 -10.75 -21.62
C09 LU8 I . 20.38 -12.37 -22.41
C11 LU8 I . 17.99 -12.54 -21.52
C12 LU8 I . 17.31 -12.67 -22.75
C14 LU8 I . 15.36 -13.63 -21.59
C16 LU8 I . 13.08 -13.92 -22.72
C19 LU8 I . 11.56 -16.67 -23.06
C23 LU8 I . 17.34 -12.94 -20.33
C25 LU8 I . 18.60 -10.29 -19.73
C27 LU8 I . 21.92 -8.44 -17.57
C29 LU8 I . 21.54 -9.78 -15.57
C30 LU8 I . 21.96 -7.11 -17.92
C32 LU8 I . 23.65 -5.68 -16.73
N08 LU8 I . 21.60 -11.80 -22.43
N18 LU8 I . 11.45 -15.67 -21.96
O02 LU8 I . 21.65 -5.45 -19.70
O28 LU8 I . 22.23 -8.78 -16.30
O31 LU8 I . 22.30 -6.17 -16.92
N1 HVK J . 17.07 -17.06 5.14
C2 HVK J . 16.21 -16.22 5.75
C3 HVK J . 16.28 -14.85 5.61
C4 HVK J . 17.26 -14.28 4.84
C5 HVK J . 18.14 -15.18 4.20
C6 HVK J . 18.04 -16.54 4.42
N HVK J . 15.15 -16.74 6.56
N1 HVK K . 22.47 14.10 -8.79
N1 HVK K . 22.05 15.03 -6.31
C2 HVK K . 22.09 14.19 -7.52
C2 HVK K . 22.94 15.90 -6.81
C3 HVK K . 22.29 15.34 -6.77
C3 HVK K . 23.35 15.85 -8.14
C4 HVK K . 22.91 16.45 -7.33
C4 HVK K . 22.84 14.86 -8.96
C5 HVK K . 23.29 16.34 -8.66
C5 HVK K . 21.95 13.96 -8.39
C6 HVK K . 23.06 15.15 -9.35
C6 HVK K . 21.56 14.05 -7.06
N HVK K . 21.44 13.07 -6.87
N HVK K . 23.48 16.96 -5.99
S SO4 L . 22.00 6.31 -11.31
O1 SO4 L . 21.27 5.07 -11.31
O2 SO4 L . 21.04 7.36 -11.54
O3 SO4 L . 22.63 6.51 -10.09
O4 SO4 L . 22.99 6.29 -12.41
S SO4 M . 21.30 24.41 19.49
O1 SO4 M . 19.86 24.29 19.72
O2 SO4 M . 21.56 25.29 18.41
O3 SO4 M . 21.84 23.10 19.20
O4 SO4 M . 21.95 24.98 20.69
S SO4 N . 31.84 3.98 13.73
O1 SO4 N . 30.40 3.92 13.99
O2 SO4 N . 32.45 5.09 14.49
O3 SO4 N . 32.04 4.22 12.33
O4 SO4 N . 32.44 2.70 14.07
C1 EDO O . 9.28 -7.47 -4.78
O1 EDO O . 10.24 -6.57 -5.22
C2 EDO O . 9.47 -8.84 -5.26
O2 EDO O . 8.28 -9.54 -5.45
C1 EDO P . 15.00 31.62 12.42
O1 EDO P . 14.49 32.56 13.34
C2 EDO P . 16.04 30.73 13.02
O2 EDO P . 16.97 30.12 12.14
C1 EDO Q . 34.09 -1.37 7.67
O1 EDO Q . 35.36 -0.76 7.62
C2 EDO Q . 34.16 -2.83 7.69
O2 EDO Q . 32.93 -3.42 7.35
C1 EDO R . 28.78 20.58 16.64
O1 EDO R . 28.67 19.87 17.86
C2 EDO R . 28.01 20.01 15.48
O2 EDO R . 26.58 19.94 15.66
C10 LU8 S . -25.29 -9.73 -15.22
C13 LU8 S . -25.44 -8.93 -18.95
C15 LU8 S . -24.14 -7.50 -20.46
C17 LU8 S . -23.32 -5.50 -21.81
C20 LU8 S . -22.52 -7.85 -22.46
C21 LU8 S . -23.03 -8.33 -21.09
C22 LU8 S . -23.64 -7.64 -17.95
C24 LU8 S . -24.35 -10.13 -14.27
C26 LU8 S . -23.02 -10.16 -11.46
C01 LU8 S . -23.83 -15.02 -10.43
C03 LU8 S . -23.02 -12.74 -10.46
C04 LU8 S . -23.98 -12.37 -11.43
C05 LU8 S . -23.94 -11.11 -11.95
C06 LU8 S . -24.88 -10.63 -13.05
C07 LU8 S . -26.23 -10.77 -12.86
C09 LU8 S . -26.63 -9.84 -14.94
C11 LU8 S . -24.95 -9.15 -16.56
C12 LU8 S . -25.71 -9.50 -17.69
C14 LU8 S . -24.37 -8.07 -19.08
C16 LU8 S . -23.74 -6.06 -20.43
C19 LU8 S . -21.72 -5.87 -23.67
C23 LU8 S . -23.91 -8.22 -16.70
C25 LU8 S . -22.87 -10.07 -14.59
C27 LU8 S . -22.13 -10.52 -10.41
C29 LU8 S . -21.08 -8.33 -10.43
C30 LU8 S . -22.16 -11.79 -9.94
C32 LU8 S . -21.72 -12.15 -7.66
N08 LU8 S . -27.13 -10.33 -13.81
N18 LU8 S . -22.78 -6.44 -22.78
O02 LU8 S . -23.02 -13.97 -9.90
O28 LU8 S . -21.17 -9.64 -9.88
O31 LU8 S . -21.19 -12.12 -8.97
S SO4 T . -35.21 -7.40 -13.41
O1 SO4 T . -35.68 -8.22 -14.52
O2 SO4 T . -36.12 -6.32 -13.15
O3 SO4 T . -35.19 -8.21 -12.22
O4 SO4 T . -33.94 -6.91 -13.72
C1 EDO U . -8.72 15.06 -11.07
O1 EDO U . -8.08 15.49 -12.36
C2 EDO U . -8.78 13.59 -10.83
O2 EDO U . -9.55 12.82 -11.88
S DMS V . -32.44 13.34 10.83
O DMS V . -32.32 13.20 9.33
C1 DMS V . -31.77 11.85 11.53
C2 DMS V . -31.15 14.45 11.34
N1 HVK W . -28.17 -2.36 17.34
N1 HVK W . -26.85 -4.50 18.49
N1 HVK W . -27.29 -4.96 17.52
C2 HVK W . -27.36 -2.38 18.38
C2 HVK W . -27.57 -4.84 17.43
C2 HVK W . -28.20 -4.43 16.76
C3 HVK W . -26.74 -3.56 18.76
C3 HVK W . -28.30 -3.87 16.75
C3 HVK W . -28.53 -3.11 16.83
C4 HVK W . -26.95 -4.73 18.06
C4 HVK W . -28.25 -2.55 17.16
C4 HVK W . -27.90 -2.26 17.72
C5 HVK W . -27.79 -4.66 16.97
C5 HVK W . -27.50 -2.23 18.27
C5 HVK W . -26.95 -2.83 18.54
C6 HVK W . -28.39 -3.45 16.63
C6 HVK W . -26.80 -3.23 18.91
C6 HVK W . -26.67 -4.19 18.41
N HVK W . -27.12 -1.18 19.16
N HVK W . -27.61 -6.23 17.03
N HVK W . -28.90 -5.24 15.82
S SO4 X . -10.53 -9.08 -14.03
O1 SO4 X . -10.98 -9.60 -12.77
O2 SO4 X . -11.67 -8.69 -14.82
O3 SO4 X . -9.78 -10.09 -14.74
O4 SO4 X . -9.68 -7.94 -13.80
S SO4 Y . -8.17 -4.19 -10.55
O1 SO4 Y . -9.36 -4.08 -11.37
O2 SO4 Y . -7.98 -2.99 -9.83
O3 SO4 Y . -8.32 -5.30 -9.63
O4 SO4 Y . -7.01 -4.40 -11.41
C1 EDO Z . -32.56 -7.93 -5.64
O1 EDO Z . -33.05 -9.06 -4.95
C2 EDO Z . -31.66 -8.29 -6.82
O2 EDO Z . -31.67 -9.59 -7.47
C1 EDO AA . -8.98 15.63 5.21
O1 EDO AA . -10.08 15.04 5.89
C2 EDO AA . -9.37 16.75 4.31
O2 EDO AA . -10.07 16.26 3.18
C1 EDO BA . -28.99 14.92 -23.95
O1 EDO BA . -29.11 16.30 -23.64
C2 EDO BA . -27.61 14.79 -24.40
O2 EDO BA . -27.05 16.10 -24.20
#